data_1D8B
#
_entry.id   1D8B
#
_cell.length_a   1.000
_cell.length_b   1.000
_cell.length_c   1.000
_cell.angle_alpha   90.00
_cell.angle_beta   90.00
_cell.angle_gamma   90.00
#
_symmetry.space_group_name_H-M   'P 1'
#
_entity_poly.entity_id   1
_entity_poly.type   'polypeptide(L)'
_entity_poly.pdbx_seq_one_letter_code
;ELNNLRMTYERLRELSLNLGNRMVPPVGNFMPDSILKKMAAILPMNDSAFATLGTVEDKYRRRFKYFKATIADLSKKRSS
E
;
_entity_poly.pdbx_strand_id   A
#
# COMPACT_ATOMS: atom_id res chain seq x y z
N GLU A 1 10.93 12.70 -14.76
CA GLU A 1 11.00 11.28 -14.48
C GLU A 1 10.92 11.03 -12.99
N LEU A 2 10.38 12.01 -12.27
CA LEU A 2 10.21 11.91 -10.83
C LEU A 2 8.95 11.13 -10.52
N ASN A 3 8.97 9.88 -10.95
CA ASN A 3 7.86 8.96 -10.79
C ASN A 3 7.47 8.80 -9.34
N ASN A 4 6.41 9.48 -8.96
CA ASN A 4 5.90 9.41 -7.60
C ASN A 4 5.43 7.99 -7.30
N LEU A 5 5.01 7.29 -8.35
CA LEU A 5 4.56 5.91 -8.22
C LEU A 5 5.70 5.03 -7.71
N ARG A 6 6.91 5.36 -8.14
CA ARG A 6 8.09 4.62 -7.71
C ARG A 6 8.34 4.91 -6.24
N MET A 7 8.12 6.15 -5.84
CA MET A 7 8.29 6.55 -4.45
C MET A 7 7.22 5.86 -3.61
N THR A 8 6.06 5.68 -4.22
CA THR A 8 4.94 5.01 -3.57
C THR A 8 5.27 3.53 -3.32
N TYR A 9 5.70 2.84 -4.39
CA TYR A 9 6.08 1.44 -4.32
C TYR A 9 7.19 1.23 -3.30
N GLU A 10 8.14 2.16 -3.28
CA GLU A 10 9.26 2.09 -2.36
C GLU A 10 8.80 2.39 -0.93
N ARG A 11 7.94 3.40 -0.76
CA ARG A 11 7.44 3.77 0.56
C ARG A 11 6.66 2.61 1.15
N LEU A 12 6.00 1.86 0.28
CA LEU A 12 5.22 0.70 0.69
C LEU A 12 6.15 -0.41 1.13
N ARG A 13 7.22 -0.59 0.38
CA ARG A 13 8.21 -1.62 0.69
C ARG A 13 8.85 -1.36 2.04
N GLU A 14 9.15 -0.08 2.30
CA GLU A 14 9.76 0.33 3.54
C GLU A 14 8.76 0.21 4.69
N LEU A 15 7.51 0.53 4.41
CA LEU A 15 6.46 0.50 5.41
C LEU A 15 6.09 -0.94 5.74
N SER A 16 6.05 -1.80 4.73
CA SER A 16 5.70 -3.20 4.92
C SER A 16 6.72 -3.89 5.83
N LEU A 17 7.99 -3.54 5.66
CA LEU A 17 9.05 -4.13 6.48
C LEU A 17 9.07 -3.48 7.86
N ASN A 18 8.66 -2.22 7.92
CA ASN A 18 8.63 -1.48 9.18
C ASN A 18 7.53 -2.01 10.10
N LEU A 19 6.29 -1.93 9.63
CA LEU A 19 5.15 -2.40 10.40
C LEU A 19 5.20 -3.91 10.57
N GLY A 20 5.75 -4.59 9.56
CA GLY A 20 5.83 -6.03 9.61
C GLY A 20 6.68 -6.55 10.75
N ASN A 21 7.73 -5.80 11.08
CA ASN A 21 8.63 -6.20 12.17
C ASN A 21 8.11 -5.66 13.50
N ARG A 22 7.14 -4.76 13.41
CA ARG A 22 6.54 -4.16 14.59
C ARG A 22 5.34 -4.99 15.05
N MET A 23 5.01 -6.02 14.29
CA MET A 23 3.91 -6.89 14.64
C MET A 23 4.44 -8.11 15.35
N VAL A 24 3.71 -8.60 16.35
CA VAL A 24 4.14 -9.77 17.09
C VAL A 24 3.08 -10.87 17.01
N PRO A 25 3.42 -12.01 16.39
CA PRO A 25 4.73 -12.25 15.78
C PRO A 25 4.88 -11.57 14.43
N PRO A 26 6.14 -11.33 13.99
CA PRO A 26 6.42 -10.67 12.72
C PRO A 26 5.66 -11.29 11.55
N VAL A 27 5.19 -10.43 10.67
CA VAL A 27 4.42 -10.87 9.51
C VAL A 27 5.31 -11.45 8.42
N GLY A 28 6.44 -10.81 8.18
CA GLY A 28 7.33 -11.25 7.14
C GLY A 28 6.89 -10.66 5.82
N ASN A 29 5.68 -11.00 5.40
CA ASN A 29 5.12 -10.47 4.18
C ASN A 29 3.89 -9.63 4.53
N PHE A 30 4.15 -8.39 4.95
CA PHE A 30 3.08 -7.49 5.36
C PHE A 30 2.13 -7.23 4.19
N MET A 31 2.71 -7.03 3.02
CA MET A 31 1.94 -6.82 1.81
C MET A 31 2.69 -7.42 0.63
N PRO A 32 2.04 -8.30 -0.14
CA PRO A 32 2.66 -8.97 -1.28
C PRO A 32 3.13 -7.99 -2.34
N ASP A 33 4.21 -8.34 -3.01
CA ASP A 33 4.81 -7.51 -4.06
C ASP A 33 3.78 -7.08 -5.10
N SER A 34 2.88 -7.99 -5.46
CA SER A 34 1.84 -7.71 -6.43
C SER A 34 0.89 -6.63 -5.93
N ILE A 35 0.42 -6.76 -4.69
CA ILE A 35 -0.49 -5.79 -4.10
C ILE A 35 0.19 -4.43 -3.96
N LEU A 36 1.47 -4.45 -3.59
CA LEU A 36 2.23 -3.21 -3.44
C LEU A 36 2.28 -2.45 -4.77
N LYS A 37 2.36 -3.21 -5.86
CA LYS A 37 2.43 -2.64 -7.20
C LYS A 37 1.12 -1.97 -7.63
N LYS A 38 0.03 -2.73 -7.59
CA LYS A 38 -1.27 -2.20 -8.01
C LYS A 38 -1.75 -1.09 -7.09
N MET A 39 -1.55 -1.26 -5.79
CA MET A 39 -1.98 -0.26 -4.83
C MET A 39 -1.18 1.02 -4.99
N ALA A 40 0.06 0.89 -5.42
CA ALA A 40 0.91 2.06 -5.62
C ALA A 40 0.52 2.84 -6.86
N ALA A 41 -0.01 2.14 -7.85
CA ALA A 41 -0.42 2.79 -9.10
C ALA A 41 -1.84 3.30 -9.04
N ILE A 42 -2.74 2.52 -8.48
CA ILE A 42 -4.13 2.92 -8.39
C ILE A 42 -4.34 3.87 -7.21
N LEU A 43 -3.59 3.63 -6.14
CA LEU A 43 -3.66 4.45 -4.92
C LEU A 43 -5.10 4.62 -4.45
N PRO A 44 -5.72 3.53 -3.98
CA PRO A 44 -7.10 3.55 -3.49
C PRO A 44 -7.18 4.11 -2.07
N MET A 45 -7.90 5.20 -1.92
CA MET A 45 -8.03 5.85 -0.62
C MET A 45 -9.31 5.43 0.09
N ASN A 46 -9.99 4.44 -0.47
CA ASN A 46 -11.23 3.96 0.12
C ASN A 46 -11.46 2.50 -0.21
N ASP A 47 -12.28 1.84 0.61
CA ASP A 47 -12.59 0.42 0.40
C ASP A 47 -13.40 0.25 -0.87
N SER A 48 -14.27 1.22 -1.15
CA SER A 48 -15.09 1.19 -2.35
C SER A 48 -14.23 1.32 -3.60
N ALA A 49 -13.03 1.88 -3.43
CA ALA A 49 -12.09 2.04 -4.53
C ALA A 49 -11.17 0.84 -4.63
N PHE A 50 -10.91 0.23 -3.49
CA PHE A 50 -10.03 -0.96 -3.38
C PHE A 50 -10.42 -2.05 -4.37
N ALA A 51 -11.69 -2.08 -4.75
CA ALA A 51 -12.19 -3.07 -5.69
C ALA A 51 -11.47 -3.01 -7.04
N THR A 52 -10.84 -1.88 -7.36
CA THR A 52 -10.14 -1.72 -8.62
C THR A 52 -8.75 -2.38 -8.59
N LEU A 53 -8.39 -2.93 -7.42
CA LEU A 53 -7.10 -3.61 -7.27
C LEU A 53 -7.16 -4.99 -7.92
N GLY A 54 -8.34 -5.35 -8.43
CA GLY A 54 -8.51 -6.61 -9.08
C GLY A 54 -8.82 -7.74 -8.12
N THR A 55 -7.83 -8.15 -7.33
CA THR A 55 -8.03 -9.24 -6.40
C THR A 55 -7.21 -9.10 -5.11
N VAL A 56 -7.83 -8.62 -4.06
CA VAL A 56 -7.14 -8.53 -2.78
C VAL A 56 -7.83 -9.42 -1.78
N GLU A 57 -7.08 -10.37 -1.24
CA GLU A 57 -7.62 -11.32 -0.28
C GLU A 57 -8.29 -10.59 0.89
N ASP A 58 -9.29 -11.22 1.49
CA ASP A 58 -9.97 -10.61 2.62
C ASP A 58 -8.98 -10.37 3.76
N LYS A 59 -8.00 -11.27 3.86
CA LYS A 59 -6.95 -11.15 4.88
C LYS A 59 -6.04 -9.99 4.55
N TYR A 60 -5.95 -9.68 3.26
CA TYR A 60 -5.12 -8.58 2.78
C TYR A 60 -5.84 -7.26 3.06
N ARG A 61 -7.17 -7.30 2.96
CA ARG A 61 -8.02 -6.15 3.22
C ARG A 61 -7.92 -5.70 4.68
N ARG A 62 -7.72 -6.66 5.58
CA ARG A 62 -7.63 -6.37 7.01
C ARG A 62 -6.42 -5.50 7.34
N ARG A 63 -5.23 -6.06 7.16
CA ARG A 63 -3.98 -5.34 7.47
C ARG A 63 -3.78 -4.13 6.55
N PHE A 64 -4.68 -3.99 5.59
CA PHE A 64 -4.69 -2.87 4.66
C PHE A 64 -4.80 -1.55 5.43
N LYS A 65 -5.55 -1.60 6.54
CA LYS A 65 -5.79 -0.45 7.41
C LYS A 65 -4.50 0.17 7.92
N TYR A 66 -3.41 -0.60 7.95
CA TYR A 66 -2.14 -0.09 8.44
C TYR A 66 -1.38 0.67 7.35
N PHE A 67 -1.91 0.64 6.14
CA PHE A 67 -1.28 1.31 5.02
C PHE A 67 -2.03 2.57 4.61
N LYS A 68 -3.26 2.69 5.08
CA LYS A 68 -4.14 3.82 4.73
C LYS A 68 -3.48 5.19 4.95
N ALA A 69 -2.68 5.33 5.98
CA ALA A 69 -2.02 6.61 6.26
C ALA A 69 -1.00 6.97 5.18
N THR A 70 -0.37 5.96 4.59
CA THR A 70 0.62 6.19 3.55
C THR A 70 -0.06 6.27 2.18
N ILE A 71 -1.01 5.38 1.92
CA ILE A 71 -1.72 5.37 0.63
C ILE A 71 -2.45 6.70 0.41
N ALA A 72 -3.09 7.21 1.47
CA ALA A 72 -3.82 8.47 1.39
C ALA A 72 -2.90 9.63 1.05
N ASP A 73 -1.69 9.59 1.62
CA ASP A 73 -0.70 10.64 1.40
C ASP A 73 -0.18 10.61 -0.03
N LEU A 74 0.18 9.42 -0.51
CA LEU A 74 0.72 9.26 -1.86
C LEU A 74 -0.36 9.50 -2.91
N SER A 75 -1.61 9.19 -2.58
CA SER A 75 -2.72 9.39 -3.51
C SER A 75 -3.00 10.89 -3.63
N LYS A 76 -2.71 11.62 -2.55
CA LYS A 76 -2.90 13.06 -2.53
C LYS A 76 -1.73 13.75 -3.23
N LYS A 77 -0.53 13.22 -3.02
CA LYS A 77 0.68 13.77 -3.62
C LYS A 77 0.79 13.42 -5.10
N ARG A 78 -0.02 12.46 -5.54
CA ARG A 78 -0.02 12.02 -6.93
C ARG A 78 -0.33 13.17 -7.88
N SER A 79 -1.14 14.11 -7.40
CA SER A 79 -1.52 15.27 -8.21
C SER A 79 -0.64 16.49 -7.87
N SER A 80 0.42 16.26 -7.11
CA SER A 80 1.32 17.34 -6.72
C SER A 80 2.71 17.12 -7.32
N GLU A 81 3.19 15.89 -7.27
CA GLU A 81 4.50 15.57 -7.80
C GLU A 81 4.37 14.45 -8.83
N GLU A 1 6.97 11.90 -17.98
CA GLU A 1 7.62 10.88 -17.17
C GLU A 1 6.96 10.81 -15.81
N LEU A 2 7.31 11.78 -14.94
CA LEU A 2 6.76 11.89 -13.60
C LEU A 2 6.61 10.53 -12.91
N ASN A 3 7.70 9.77 -12.86
CA ASN A 3 7.70 8.44 -12.25
C ASN A 3 7.82 8.52 -10.72
N ASN A 4 6.94 9.27 -10.09
CA ASN A 4 6.95 9.40 -8.64
C ASN A 4 6.32 8.16 -8.00
N LEU A 5 5.69 7.35 -8.86
CA LEU A 5 5.06 6.10 -8.44
C LEU A 5 6.08 5.19 -7.74
N ARG A 6 7.35 5.30 -8.12
CA ARG A 6 8.40 4.49 -7.51
C ARG A 6 8.51 4.84 -6.03
N MET A 7 8.36 6.13 -5.72
CA MET A 7 8.41 6.61 -4.35
C MET A 7 7.24 6.02 -3.56
N THR A 8 6.11 5.88 -4.24
CA THR A 8 4.91 5.32 -3.64
C THR A 8 5.13 3.84 -3.31
N TYR A 9 5.64 3.09 -4.30
CA TYR A 9 5.90 1.67 -4.14
C TYR A 9 7.03 1.42 -3.15
N GLU A 10 8.06 2.26 -3.21
CA GLU A 10 9.21 2.12 -2.33
C GLU A 10 8.82 2.42 -0.89
N ARG A 11 7.92 3.38 -0.70
CA ARG A 11 7.45 3.75 0.63
C ARG A 11 6.62 2.61 1.20
N LEU A 12 5.94 1.90 0.30
CA LEU A 12 5.12 0.76 0.66
C LEU A 12 6.00 -0.44 1.00
N ARG A 13 7.08 -0.59 0.25
CA ARG A 13 8.02 -1.70 0.45
C ARG A 13 8.78 -1.51 1.76
N GLU A 14 9.07 -0.27 2.09
CA GLU A 14 9.78 0.06 3.32
C GLU A 14 8.85 -0.05 4.51
N LEU A 15 7.60 0.36 4.31
CA LEU A 15 6.61 0.29 5.37
C LEU A 15 6.20 -1.16 5.62
N SER A 16 6.16 -1.95 4.55
CA SER A 16 5.79 -3.35 4.63
C SER A 16 6.83 -4.16 5.42
N LEU A 17 8.10 -3.86 5.19
CA LEU A 17 9.17 -4.57 5.87
C LEU A 17 9.32 -4.10 7.30
N ASN A 18 9.01 -2.84 7.53
CA ASN A 18 9.12 -2.27 8.85
C ASN A 18 7.95 -2.71 9.73
N LEU A 19 6.73 -2.49 9.24
CA LEU A 19 5.53 -2.89 9.98
C LEU A 19 5.51 -4.39 10.18
N GLY A 20 5.91 -5.12 9.15
CA GLY A 20 5.92 -6.56 9.21
C GLY A 20 6.85 -7.09 10.29
N ASN A 21 7.91 -6.34 10.60
CA ASN A 21 8.85 -6.78 11.63
C ASN A 21 8.51 -6.13 12.98
N ARG A 22 7.64 -5.13 12.95
CA ARG A 22 7.22 -4.43 14.16
C ARG A 22 5.92 -5.03 14.69
N MET A 23 5.36 -5.96 13.93
CA MET A 23 4.14 -6.64 14.30
C MET A 23 4.46 -7.94 15.03
N VAL A 24 3.54 -8.40 15.86
CA VAL A 24 3.74 -9.63 16.61
C VAL A 24 2.63 -10.61 16.27
N PRO A 25 2.98 -11.75 15.65
CA PRO A 25 4.35 -12.08 15.30
C PRO A 25 4.75 -11.50 13.95
N PRO A 26 6.06 -11.31 13.73
CA PRO A 26 6.59 -10.76 12.47
C PRO A 26 5.96 -11.42 11.25
N VAL A 27 5.27 -10.60 10.47
CA VAL A 27 4.58 -11.05 9.27
C VAL A 27 5.55 -11.40 8.15
N GLY A 28 6.65 -10.68 8.08
CA GLY A 28 7.62 -10.93 7.04
C GLY A 28 7.21 -10.21 5.76
N ASN A 29 6.13 -10.68 5.16
CA ASN A 29 5.59 -10.06 3.95
C ASN A 29 4.27 -9.40 4.29
N PHE A 30 4.37 -8.20 4.84
CA PHE A 30 3.20 -7.43 5.26
C PHE A 30 2.25 -7.22 4.09
N MET A 31 2.79 -6.78 2.96
CA MET A 31 2.00 -6.57 1.76
C MET A 31 2.76 -7.11 0.56
N PRO A 32 2.15 -8.06 -0.18
CA PRO A 32 2.77 -8.69 -1.35
C PRO A 32 3.20 -7.66 -2.39
N ASP A 33 4.32 -7.93 -3.04
CA ASP A 33 4.86 -7.03 -4.08
C ASP A 33 3.83 -6.71 -5.14
N SER A 34 3.04 -7.70 -5.53
CA SER A 34 2.02 -7.52 -6.54
C SER A 34 0.96 -6.51 -6.08
N ILE A 35 0.58 -6.60 -4.81
CA ILE A 35 -0.42 -5.71 -4.24
C ILE A 35 0.15 -4.30 -4.08
N LEU A 36 1.42 -4.22 -3.72
CA LEU A 36 2.07 -2.93 -3.54
C LEU A 36 2.11 -2.16 -4.86
N LYS A 37 2.39 -2.87 -5.94
CA LYS A 37 2.47 -2.26 -7.26
C LYS A 37 1.13 -1.68 -7.70
N LYS A 38 0.08 -2.46 -7.56
CA LYS A 38 -1.24 -2.02 -7.97
C LYS A 38 -1.80 -0.96 -7.01
N MET A 39 -1.59 -1.15 -5.72
CA MET A 39 -2.10 -0.21 -4.73
C MET A 39 -1.38 1.14 -4.85
N ALA A 40 -0.12 1.12 -5.30
CA ALA A 40 0.63 2.36 -5.45
C ALA A 40 0.31 3.04 -6.76
N ALA A 41 0.02 2.25 -7.78
CA ALA A 41 -0.28 2.78 -9.10
C ALA A 41 -1.70 3.35 -9.16
N ILE A 42 -2.62 2.69 -8.48
CA ILE A 42 -4.01 3.10 -8.46
C ILE A 42 -4.31 3.98 -7.25
N LEU A 43 -3.65 3.66 -6.12
CA LEU A 43 -3.84 4.39 -4.87
C LEU A 43 -5.32 4.52 -4.54
N PRO A 44 -5.95 3.41 -4.13
CA PRO A 44 -7.37 3.35 -3.80
C PRO A 44 -7.67 3.62 -2.32
N MET A 45 -8.20 4.79 -2.03
CA MET A 45 -8.53 5.14 -0.65
C MET A 45 -10.02 4.93 -0.38
N ASN A 46 -10.61 3.97 -1.06
CA ASN A 46 -12.03 3.68 -0.90
C ASN A 46 -12.28 2.22 -1.31
N ASP A 47 -13.23 1.58 -0.64
CA ASP A 47 -13.55 0.16 -0.87
C ASP A 47 -13.87 -0.14 -2.33
N SER A 48 -14.69 0.69 -2.95
CA SER A 48 -15.07 0.48 -4.34
C SER A 48 -13.86 0.51 -5.27
N ALA A 49 -12.89 1.35 -4.93
CA ALA A 49 -11.67 1.48 -5.72
C ALA A 49 -10.72 0.33 -5.45
N PHE A 50 -10.77 -0.21 -4.23
CA PHE A 50 -9.90 -1.33 -3.84
C PHE A 50 -10.12 -2.56 -4.73
N ALA A 51 -11.31 -2.65 -5.31
CA ALA A 51 -11.66 -3.76 -6.18
C ALA A 51 -10.73 -3.86 -7.39
N THR A 52 -10.13 -2.74 -7.78
CA THR A 52 -9.23 -2.71 -8.93
C THR A 52 -7.93 -3.45 -8.64
N LEU A 53 -7.69 -3.74 -7.37
CA LEU A 53 -6.50 -4.46 -6.96
C LEU A 53 -6.68 -5.96 -7.18
N GLY A 54 -7.73 -6.34 -7.90
CA GLY A 54 -7.99 -7.73 -8.13
C GLY A 54 -8.81 -8.30 -7.00
N THR A 55 -9.73 -7.48 -6.51
CA THR A 55 -10.61 -7.82 -5.39
C THR A 55 -9.81 -8.38 -4.21
N VAL A 56 -9.18 -7.48 -3.45
CA VAL A 56 -8.39 -7.86 -2.28
C VAL A 56 -9.25 -8.59 -1.26
N GLU A 57 -8.72 -9.70 -0.78
CA GLU A 57 -9.42 -10.51 0.21
C GLU A 57 -9.51 -9.77 1.54
N ASP A 58 -10.41 -10.20 2.41
CA ASP A 58 -10.58 -9.57 3.71
C ASP A 58 -9.29 -9.61 4.52
N LYS A 59 -8.54 -10.70 4.40
CA LYS A 59 -7.27 -10.85 5.12
C LYS A 59 -6.30 -9.72 4.75
N TYR A 60 -6.47 -9.18 3.54
CA TYR A 60 -5.62 -8.07 3.10
C TYR A 60 -6.20 -6.76 3.61
N ARG A 61 -7.52 -6.73 3.75
CA ARG A 61 -8.23 -5.55 4.22
C ARG A 61 -7.93 -5.28 5.71
N ARG A 62 -7.85 -6.35 6.50
CA ARG A 62 -7.61 -6.24 7.94
C ARG A 62 -6.34 -5.48 8.26
N ARG A 63 -5.26 -5.78 7.55
CA ARG A 63 -4.00 -5.10 7.79
C ARG A 63 -3.87 -3.91 6.85
N PHE A 64 -4.84 -3.76 5.96
CA PHE A 64 -4.86 -2.64 5.00
C PHE A 64 -4.87 -1.30 5.73
N LYS A 65 -5.55 -1.27 6.86
CA LYS A 65 -5.65 -0.04 7.67
C LYS A 65 -4.28 0.46 8.12
N TYR A 66 -3.30 -0.42 8.16
CA TYR A 66 -1.94 -0.05 8.56
C TYR A 66 -1.22 0.67 7.41
N PHE A 67 -1.85 0.69 6.24
CA PHE A 67 -1.28 1.35 5.08
C PHE A 67 -2.12 2.57 4.71
N LYS A 68 -3.35 2.61 5.21
CA LYS A 68 -4.29 3.69 4.93
C LYS A 68 -3.73 5.08 5.25
N ALA A 69 -2.83 5.16 6.22
CA ALA A 69 -2.23 6.42 6.59
C ALA A 69 -1.26 6.90 5.52
N THR A 70 -0.59 5.96 4.86
CA THR A 70 0.36 6.30 3.82
C THR A 70 -0.33 6.43 2.46
N ILE A 71 -1.28 5.54 2.20
CA ILE A 71 -2.03 5.56 0.96
C ILE A 71 -2.75 6.90 0.79
N ALA A 72 -3.34 7.38 1.89
CA ALA A 72 -4.07 8.66 1.90
C ALA A 72 -3.16 9.83 1.54
N ASP A 73 -1.94 9.79 2.03
CA ASP A 73 -0.99 10.87 1.77
C ASP A 73 -0.41 10.79 0.37
N LEU A 74 0.00 9.60 -0.03
CA LEU A 74 0.59 9.39 -1.36
C LEU A 74 -0.39 9.72 -2.49
N SER A 75 -1.69 9.52 -2.25
CA SER A 75 -2.71 9.82 -3.25
C SER A 75 -2.91 11.33 -3.38
N LYS A 76 -2.64 12.05 -2.30
CA LYS A 76 -2.77 13.49 -2.29
C LYS A 76 -1.43 14.18 -2.52
N LYS A 77 -0.42 13.37 -2.84
CA LYS A 77 0.94 13.90 -3.07
C LYS A 77 1.54 13.32 -4.33
N ARG A 78 0.77 12.49 -5.03
CA ARG A 78 1.24 11.86 -6.26
C ARG A 78 1.55 12.92 -7.32
N SER A 79 2.80 12.89 -7.80
CA SER A 79 3.32 13.80 -8.81
C SER A 79 3.44 15.23 -8.27
N SER A 80 2.32 15.77 -7.80
CA SER A 80 2.29 17.12 -7.25
C SER A 80 1.29 17.17 -6.09
N GLU A 81 0.05 16.80 -6.39
CA GLU A 81 -1.02 16.78 -5.41
C GLU A 81 -2.28 16.19 -6.05
N GLU A 1 11.67 14.45 -12.58
CA GLU A 1 11.50 14.50 -11.13
C GLU A 1 10.13 13.96 -10.74
N LEU A 2 9.40 13.42 -11.71
CA LEU A 2 8.07 12.87 -11.46
C LEU A 2 8.14 11.39 -11.11
N ASN A 3 9.11 11.04 -10.27
CA ASN A 3 9.32 9.67 -9.83
C ASN A 3 8.44 9.39 -8.60
N ASN A 4 7.24 9.95 -8.62
CA ASN A 4 6.29 9.80 -7.52
C ASN A 4 5.77 8.38 -7.39
N LEU A 5 5.42 7.76 -8.52
CA LEU A 5 4.89 6.39 -8.49
C LEU A 5 5.90 5.42 -7.91
N ARG A 6 7.17 5.58 -8.28
CA ARG A 6 8.21 4.72 -7.75
C ARG A 6 8.37 4.95 -6.26
N MET A 7 8.27 6.21 -5.85
CA MET A 7 8.37 6.59 -4.45
C MET A 7 7.20 6.00 -3.67
N THR A 8 6.06 5.91 -4.33
CA THR A 8 4.86 5.36 -3.73
C THR A 8 5.09 3.88 -3.38
N TYR A 9 5.52 3.10 -4.36
CA TYR A 9 5.80 1.66 -4.17
C TYR A 9 6.92 1.47 -3.14
N GLU A 10 7.95 2.29 -3.25
CA GLU A 10 9.09 2.20 -2.36
C GLU A 10 8.69 2.51 -0.92
N ARG A 11 7.83 3.49 -0.74
CA ARG A 11 7.37 3.88 0.60
C ARG A 11 6.49 2.78 1.20
N LEU A 12 5.73 2.12 0.35
CA LEU A 12 4.85 1.04 0.78
C LEU A 12 5.69 -0.17 1.13
N ARG A 13 6.77 -0.36 0.40
CA ARG A 13 7.66 -1.48 0.65
C ARG A 13 8.44 -1.25 1.95
N GLU A 14 8.80 0.01 2.19
CA GLU A 14 9.53 0.36 3.40
C GLU A 14 8.61 0.21 4.60
N LEU A 15 7.34 0.56 4.39
CA LEU A 15 6.34 0.44 5.43
C LEU A 15 6.07 -1.03 5.70
N SER A 16 6.07 -1.82 4.62
CA SER A 16 5.83 -3.25 4.68
C SER A 16 6.94 -3.96 5.47
N LEU A 17 8.17 -3.50 5.33
CA LEU A 17 9.28 -4.11 6.04
C LEU A 17 9.23 -3.72 7.51
N ASN A 18 8.70 -2.54 7.78
CA ASN A 18 8.61 -2.04 9.15
C ASN A 18 7.43 -2.70 9.88
N LEU A 19 6.21 -2.52 9.37
CA LEU A 19 5.03 -3.10 10.00
C LEU A 19 5.10 -4.61 10.02
N GLY A 20 5.70 -5.17 8.98
CA GLY A 20 5.81 -6.61 8.87
C GLY A 20 6.61 -7.26 9.98
N ASN A 21 7.76 -6.67 10.31
CA ASN A 21 8.63 -7.22 11.36
C ASN A 21 8.17 -6.78 12.74
N ARG A 22 7.28 -5.78 12.76
CA ARG A 22 6.76 -5.26 14.02
C ARG A 22 5.49 -6.02 14.44
N MET A 23 5.03 -6.89 13.55
CA MET A 23 3.85 -7.71 13.80
C MET A 23 4.28 -9.07 14.31
N VAL A 24 3.44 -9.73 15.10
CA VAL A 24 3.76 -11.03 15.64
C VAL A 24 2.60 -12.00 15.43
N PRO A 25 2.82 -13.11 14.72
CA PRO A 25 4.11 -13.46 14.12
C PRO A 25 4.48 -12.53 12.97
N PRO A 26 5.76 -12.25 12.77
CA PRO A 26 6.23 -11.37 11.71
C PRO A 26 5.76 -11.81 10.34
N VAL A 27 5.19 -10.87 9.59
CA VAL A 27 4.68 -11.14 8.26
C VAL A 27 5.83 -11.26 7.27
N GLY A 28 6.97 -10.68 7.64
CA GLY A 28 8.14 -10.67 6.77
C GLY A 28 7.95 -9.66 5.68
N ASN A 29 7.10 -10.00 4.74
CA ASN A 29 6.75 -9.11 3.65
C ASN A 29 5.29 -8.70 3.83
N PHE A 30 5.06 -7.80 4.80
CA PHE A 30 3.74 -7.26 5.16
C PHE A 30 2.75 -7.38 4.00
N MET A 31 2.95 -6.57 2.98
CA MET A 31 2.12 -6.63 1.80
C MET A 31 2.92 -7.21 0.64
N PRO A 32 2.36 -8.17 -0.11
CA PRO A 32 3.05 -8.79 -1.24
C PRO A 32 3.48 -7.77 -2.30
N ASP A 33 4.62 -8.03 -2.93
CA ASP A 33 5.16 -7.15 -3.96
C ASP A 33 4.13 -6.82 -5.04
N SER A 34 3.33 -7.82 -5.39
CA SER A 34 2.29 -7.68 -6.42
C SER A 34 1.23 -6.68 -5.97
N ILE A 35 0.76 -6.82 -4.73
CA ILE A 35 -0.25 -5.93 -4.21
C ILE A 35 0.29 -4.51 -4.04
N LEU A 36 1.54 -4.40 -3.60
CA LEU A 36 2.18 -3.09 -3.41
C LEU A 36 2.24 -2.31 -4.72
N LYS A 37 2.49 -3.02 -5.82
CA LYS A 37 2.59 -2.38 -7.13
C LYS A 37 1.25 -1.84 -7.62
N LYS A 38 0.20 -2.66 -7.52
CA LYS A 38 -1.12 -2.24 -7.97
C LYS A 38 -1.68 -1.16 -7.07
N MET A 39 -1.46 -1.32 -5.77
CA MET A 39 -1.93 -0.37 -4.77
C MET A 39 -1.22 0.97 -4.93
N ALA A 40 0.02 0.95 -5.39
CA ALA A 40 0.80 2.17 -5.59
C ALA A 40 0.43 2.84 -6.91
N ALA A 41 0.09 2.04 -7.91
CA ALA A 41 -0.26 2.58 -9.22
C ALA A 41 -1.68 3.13 -9.23
N ILE A 42 -2.61 2.39 -8.64
CA ILE A 42 -4.00 2.80 -8.59
C ILE A 42 -4.24 3.75 -7.42
N LEU A 43 -3.53 3.50 -6.33
CA LEU A 43 -3.64 4.30 -5.12
C LEU A 43 -5.08 4.42 -4.66
N PRO A 44 -5.63 3.32 -4.12
CA PRO A 44 -7.01 3.28 -3.64
C PRO A 44 -7.20 4.05 -2.34
N MET A 45 -7.83 5.20 -2.44
CA MET A 45 -8.10 6.05 -1.28
C MET A 45 -9.33 5.59 -0.53
N ASN A 46 -10.26 4.98 -1.26
CA ASN A 46 -11.49 4.49 -0.66
C ASN A 46 -11.64 3.00 -0.87
N ASP A 47 -12.60 2.41 -0.18
CA ASP A 47 -12.86 0.98 -0.30
C ASP A 47 -13.39 0.63 -1.68
N SER A 48 -14.06 1.59 -2.31
CA SER A 48 -14.59 1.41 -3.65
C SER A 48 -13.44 1.34 -4.64
N ALA A 49 -12.39 2.11 -4.37
CA ALA A 49 -11.21 2.14 -5.21
C ALA A 49 -10.40 0.85 -5.08
N PHE A 50 -10.55 0.21 -3.91
CA PHE A 50 -9.85 -1.03 -3.63
C PHE A 50 -10.30 -2.15 -4.56
N ALA A 51 -11.51 -2.03 -5.09
CA ALA A 51 -12.05 -3.03 -6.00
C ALA A 51 -11.25 -3.11 -7.30
N THR A 52 -10.58 -2.01 -7.66
CA THR A 52 -9.78 -2.01 -8.88
C THR A 52 -8.42 -2.68 -8.66
N LEU A 53 -8.18 -3.16 -7.45
CA LEU A 53 -6.94 -3.84 -7.12
C LEU A 53 -7.04 -5.30 -7.54
N GLY A 54 -8.26 -5.75 -7.72
CA GLY A 54 -8.51 -7.12 -8.11
C GLY A 54 -9.34 -7.83 -7.07
N THR A 55 -8.69 -8.65 -6.26
CA THR A 55 -9.38 -9.38 -5.20
C THR A 55 -8.53 -9.50 -3.95
N VAL A 56 -8.87 -8.74 -2.92
CA VAL A 56 -8.14 -8.80 -1.67
C VAL A 56 -9.00 -9.47 -0.60
N GLU A 57 -8.49 -10.56 -0.02
CA GLU A 57 -9.20 -11.29 1.00
C GLU A 57 -9.32 -10.49 2.28
N ASP A 58 -10.16 -10.95 3.19
CA ASP A 58 -10.38 -10.29 4.47
C ASP A 58 -9.06 -10.06 5.20
N LYS A 59 -8.15 -11.04 5.13
CA LYS A 59 -6.85 -10.93 5.79
C LYS A 59 -6.03 -9.78 5.20
N TYR A 60 -6.29 -9.46 3.93
CA TYR A 60 -5.59 -8.37 3.27
C TYR A 60 -6.21 -7.04 3.63
N ARG A 61 -7.53 -7.03 3.76
CA ARG A 61 -8.26 -5.82 4.13
C ARG A 61 -7.96 -5.47 5.58
N ARG A 62 -7.80 -6.50 6.39
CA ARG A 62 -7.53 -6.35 7.80
C ARG A 62 -6.17 -5.66 8.05
N ARG A 63 -5.19 -5.91 7.19
CA ARG A 63 -3.88 -5.28 7.36
C ARG A 63 -3.76 -4.07 6.42
N PHE A 64 -4.79 -3.88 5.60
CA PHE A 64 -4.83 -2.76 4.66
C PHE A 64 -4.96 -1.44 5.41
N LYS A 65 -5.69 -1.48 6.51
CA LYS A 65 -5.91 -0.27 7.33
C LYS A 65 -4.58 0.29 7.84
N TYR A 66 -3.57 -0.56 7.96
CA TYR A 66 -2.25 -0.15 8.42
C TYR A 66 -1.49 0.55 7.30
N PHE A 67 -2.09 0.52 6.11
CA PHE A 67 -1.50 1.16 4.93
C PHE A 67 -2.34 2.35 4.50
N LYS A 68 -3.60 2.41 4.95
CA LYS A 68 -4.53 3.47 4.57
C LYS A 68 -4.03 4.88 4.90
N ALA A 69 -3.27 5.00 5.97
CA ALA A 69 -2.75 6.31 6.36
C ALA A 69 -1.67 6.80 5.43
N THR A 70 -0.92 5.85 4.87
CA THR A 70 0.16 6.18 3.95
C THR A 70 -0.33 6.21 2.50
N ILE A 71 -1.20 5.27 2.12
CA ILE A 71 -1.74 5.23 0.75
C ILE A 71 -2.47 6.53 0.42
N ALA A 72 -3.28 7.02 1.38
CA ALA A 72 -4.01 8.26 1.21
C ALA A 72 -3.09 9.46 1.10
N ASP A 73 -1.98 9.41 1.83
CA ASP A 73 -1.01 10.49 1.81
C ASP A 73 -0.29 10.53 0.47
N LEU A 74 0.06 9.36 -0.05
CA LEU A 74 0.76 9.27 -1.31
C LEU A 74 -0.11 9.65 -2.50
N SER A 75 -1.41 9.40 -2.40
CA SER A 75 -2.33 9.72 -3.50
C SER A 75 -2.56 11.22 -3.60
N LYS A 76 -2.59 11.89 -2.46
CA LYS A 76 -2.79 13.33 -2.45
C LYS A 76 -1.54 14.04 -2.97
N LYS A 77 -0.38 13.51 -2.62
CA LYS A 77 0.89 14.08 -3.06
C LYS A 77 1.13 13.78 -4.54
N ARG A 78 0.56 12.68 -5.02
CA ARG A 78 0.70 12.28 -6.42
C ARG A 78 -0.25 13.06 -7.32
N SER A 79 -1.14 13.84 -6.71
CA SER A 79 -2.08 14.64 -7.48
C SER A 79 -1.45 15.99 -7.83
N SER A 80 -0.34 16.29 -7.16
CA SER A 80 0.38 17.53 -7.40
C SER A 80 1.80 17.23 -7.91
N GLU A 81 2.80 17.87 -7.32
CA GLU A 81 4.18 17.67 -7.71
C GLU A 81 4.99 17.34 -6.48
N GLU A 1 7.61 15.62 -11.80
CA GLU A 1 7.97 14.37 -11.14
C GLU A 1 6.84 13.35 -11.23
N LEU A 2 6.46 13.03 -12.46
CA LEU A 2 5.39 12.08 -12.72
C LEU A 2 5.83 10.65 -12.42
N ASN A 3 7.13 10.48 -12.16
CA ASN A 3 7.70 9.18 -11.84
C ASN A 3 7.61 8.94 -10.34
N ASN A 4 6.82 9.76 -9.65
CA ASN A 4 6.64 9.66 -8.21
C ASN A 4 6.03 8.31 -7.84
N LEU A 5 5.43 7.64 -8.83
CA LEU A 5 4.81 6.34 -8.62
C LEU A 5 5.83 5.34 -8.08
N ARG A 6 7.09 5.53 -8.47
CA ARG A 6 8.17 4.67 -8.03
C ARG A 6 8.39 4.85 -6.53
N MET A 7 8.28 6.09 -6.06
CA MET A 7 8.45 6.39 -4.65
C MET A 7 7.32 5.75 -3.84
N THR A 8 6.13 5.75 -4.43
CA THR A 8 4.96 5.17 -3.80
C THR A 8 5.16 3.69 -3.53
N TYR A 9 5.56 2.95 -4.55
CA TYR A 9 5.80 1.52 -4.42
C TYR A 9 6.92 1.25 -3.43
N GLU A 10 7.97 2.05 -3.51
CA GLU A 10 9.12 1.93 -2.62
C GLU A 10 8.70 2.17 -1.18
N ARG A 11 7.93 3.23 -0.97
CA ARG A 11 7.44 3.59 0.35
C ARG A 11 6.56 2.49 0.92
N LEU A 12 5.80 1.83 0.06
CA LEU A 12 4.92 0.76 0.51
C LEU A 12 5.72 -0.49 0.88
N ARG A 13 6.77 -0.76 0.13
CA ARG A 13 7.61 -1.92 0.41
C ARG A 13 8.41 -1.68 1.68
N GLU A 14 8.89 -0.46 1.85
CA GLU A 14 9.66 -0.10 3.04
C GLU A 14 8.75 -0.08 4.25
N LEU A 15 7.50 0.32 4.05
CA LEU A 15 6.52 0.37 5.13
C LEU A 15 6.06 -1.04 5.45
N SER A 16 6.01 -1.89 4.43
CA SER A 16 5.61 -3.28 4.58
C SER A 16 6.60 -4.01 5.47
N LEU A 17 7.87 -3.66 5.32
CA LEU A 17 8.93 -4.26 6.12
C LEU A 17 8.95 -3.66 7.52
N ASN A 18 8.54 -2.40 7.63
CA ASN A 18 8.52 -1.72 8.92
C ASN A 18 7.33 -2.17 9.76
N LEU A 19 6.11 -1.96 9.25
CA LEU A 19 4.90 -2.34 9.96
C LEU A 19 4.87 -3.83 10.23
N GLY A 20 5.40 -4.60 9.30
CA GLY A 20 5.42 -6.04 9.45
C GLY A 20 6.19 -6.49 10.68
N ASN A 21 7.26 -5.78 11.03
CA ASN A 21 8.06 -6.11 12.21
C ASN A 21 7.60 -5.28 13.41
N ARG A 22 6.85 -4.21 13.13
CA ARG A 22 6.31 -3.35 14.17
C ARG A 22 5.03 -3.94 14.72
N MET A 23 4.57 -4.99 14.06
CA MET A 23 3.38 -5.69 14.46
C MET A 23 3.73 -6.78 15.46
N VAL A 24 2.84 -7.00 16.42
CA VAL A 24 3.04 -8.02 17.44
C VAL A 24 1.77 -8.85 17.56
N PRO A 25 1.81 -10.13 17.13
CA PRO A 25 3.03 -10.75 16.60
C PRO A 25 3.37 -10.26 15.19
N PRO A 26 4.66 -10.28 14.82
CA PRO A 26 5.13 -9.84 13.49
C PRO A 26 4.43 -10.56 12.35
N VAL A 27 4.20 -9.83 11.28
CA VAL A 27 3.53 -10.39 10.11
C VAL A 27 4.51 -11.07 9.19
N GLY A 28 5.74 -10.57 9.17
CA GLY A 28 6.75 -11.11 8.32
C GLY A 28 6.58 -10.58 6.90
N ASN A 29 5.64 -11.17 6.19
CA ASN A 29 5.33 -10.73 4.84
C ASN A 29 4.06 -9.90 4.91
N PHE A 30 4.23 -8.61 5.16
CA PHE A 30 3.12 -7.67 5.29
C PHE A 30 2.26 -7.66 4.01
N MET A 31 2.63 -6.85 3.04
CA MET A 31 1.90 -6.78 1.79
C MET A 31 2.74 -7.37 0.66
N PRO A 32 2.15 -8.21 -0.21
CA PRO A 32 2.86 -8.83 -1.33
C PRO A 32 3.31 -7.80 -2.34
N ASP A 33 4.45 -8.08 -2.98
CA ASP A 33 5.02 -7.19 -3.98
C ASP A 33 4.01 -6.84 -5.07
N SER A 34 3.21 -7.82 -5.44
CA SER A 34 2.19 -7.65 -6.46
C SER A 34 1.18 -6.57 -6.07
N ILE A 35 0.59 -6.72 -4.90
CA ILE A 35 -0.39 -5.74 -4.41
C ILE A 35 0.25 -4.38 -4.20
N LEU A 36 1.49 -4.37 -3.70
CA LEU A 36 2.21 -3.13 -3.45
C LEU A 36 2.32 -2.31 -4.73
N LYS A 37 2.48 -2.98 -5.84
CA LYS A 37 2.62 -2.32 -7.13
C LYS A 37 1.28 -1.76 -7.65
N LYS A 38 0.20 -2.53 -7.56
CA LYS A 38 -1.09 -2.04 -8.05
C LYS A 38 -1.61 -0.95 -7.13
N MET A 39 -1.44 -1.16 -5.83
CA MET A 39 -1.87 -0.21 -4.82
C MET A 39 -1.06 1.09 -4.92
N ALA A 40 0.18 0.97 -5.38
CA ALA A 40 1.05 2.14 -5.56
C ALA A 40 0.64 2.94 -6.80
N ALA A 41 0.08 2.26 -7.79
CA ALA A 41 -0.33 2.91 -9.02
C ALA A 41 -1.73 3.49 -8.92
N ILE A 42 -2.65 2.72 -8.37
CA ILE A 42 -4.04 3.16 -8.24
C ILE A 42 -4.20 4.07 -7.03
N LEU A 43 -3.48 3.76 -5.96
CA LEU A 43 -3.52 4.52 -4.71
C LEU A 43 -4.97 4.60 -4.20
N PRO A 44 -5.51 3.46 -3.75
CA PRO A 44 -6.88 3.36 -3.26
C PRO A 44 -7.04 3.83 -1.81
N MET A 45 -7.75 4.94 -1.64
CA MET A 45 -7.98 5.48 -0.30
C MET A 45 -9.28 4.94 0.30
N ASN A 46 -10.20 4.50 -0.57
CA ASN A 46 -11.49 3.97 -0.14
C ASN A 46 -11.65 2.52 -0.58
N ASP A 47 -12.62 1.83 0.02
CA ASP A 47 -12.87 0.42 -0.30
C ASP A 47 -13.28 0.25 -1.76
N SER A 48 -13.98 1.24 -2.31
CA SER A 48 -14.42 1.19 -3.70
C SER A 48 -13.23 1.15 -4.64
N ALA A 49 -12.19 1.90 -4.28
CA ALA A 49 -10.96 1.96 -5.05
C ALA A 49 -10.21 0.63 -4.94
N PHE A 50 -10.42 -0.06 -3.83
CA PHE A 50 -9.78 -1.34 -3.58
C PHE A 50 -10.29 -2.39 -4.54
N ALA A 51 -11.50 -2.17 -5.06
CA ALA A 51 -12.08 -3.12 -6.00
C ALA A 51 -11.27 -3.18 -7.30
N THR A 52 -10.57 -2.08 -7.61
CA THR A 52 -9.75 -2.02 -8.81
C THR A 52 -8.38 -2.68 -8.61
N LEU A 53 -8.12 -3.13 -7.38
CA LEU A 53 -6.87 -3.82 -7.06
C LEU A 53 -6.96 -5.27 -7.53
N GLY A 54 -8.18 -5.66 -7.88
CA GLY A 54 -8.45 -7.02 -8.32
C GLY A 54 -9.43 -7.69 -7.39
N THR A 55 -8.90 -8.49 -6.49
CA THR A 55 -9.71 -9.18 -5.51
C THR A 55 -8.89 -9.49 -4.27
N VAL A 56 -8.64 -8.46 -3.45
CA VAL A 56 -7.84 -8.66 -2.24
C VAL A 56 -8.63 -9.48 -1.22
N GLU A 57 -7.94 -10.41 -0.58
CA GLU A 57 -8.57 -11.25 0.42
C GLU A 57 -8.91 -10.43 1.65
N ASP A 58 -9.83 -10.95 2.45
CA ASP A 58 -10.25 -10.28 3.67
C ASP A 58 -9.06 -10.10 4.62
N LYS A 59 -8.13 -11.07 4.58
CA LYS A 59 -6.95 -11.00 5.42
C LYS A 59 -6.05 -9.86 4.95
N TYR A 60 -6.11 -9.55 3.65
CA TYR A 60 -5.33 -8.45 3.09
C TYR A 60 -5.97 -7.14 3.50
N ARG A 61 -7.30 -7.16 3.61
CA ARG A 61 -8.08 -5.98 3.99
C ARG A 61 -7.74 -5.55 5.42
N ARG A 62 -7.40 -6.52 6.25
CA ARG A 62 -7.06 -6.25 7.65
C ARG A 62 -5.81 -5.38 7.75
N ARG A 63 -4.67 -5.91 7.34
CA ARG A 63 -3.42 -5.16 7.39
C ARG A 63 -3.43 -4.02 6.39
N PHE A 64 -4.50 -3.95 5.61
CA PHE A 64 -4.66 -2.89 4.61
C PHE A 64 -4.87 -1.55 5.28
N LYS A 65 -5.63 -1.55 6.36
CA LYS A 65 -5.92 -0.32 7.09
C LYS A 65 -4.67 0.29 7.69
N TYR A 66 -3.65 -0.53 7.92
CA TYR A 66 -2.39 -0.03 8.47
C TYR A 66 -1.57 0.65 7.38
N PHE A 67 -2.01 0.47 6.14
CA PHE A 67 -1.35 1.06 4.99
C PHE A 67 -2.12 2.30 4.53
N LYS A 68 -3.36 2.42 4.97
CA LYS A 68 -4.22 3.52 4.58
C LYS A 68 -3.65 4.88 4.97
N ALA A 69 -2.86 4.90 6.04
CA ALA A 69 -2.24 6.13 6.49
C ALA A 69 -1.24 6.65 5.46
N THR A 70 -0.59 5.72 4.79
CA THR A 70 0.39 6.07 3.79
C THR A 70 -0.25 6.26 2.41
N ILE A 71 -1.16 5.36 2.06
CA ILE A 71 -1.85 5.42 0.77
C ILE A 71 -2.60 6.73 0.62
N ALA A 72 -3.21 7.19 1.71
CA ALA A 72 -3.96 8.45 1.68
C ALA A 72 -3.04 9.63 1.44
N ASP A 73 -1.90 9.65 2.12
CA ASP A 73 -0.92 10.73 1.96
C ASP A 73 -0.36 10.75 0.55
N LEU A 74 -0.01 9.57 0.06
CA LEU A 74 0.54 9.45 -1.29
C LEU A 74 -0.51 9.77 -2.35
N SER A 75 -1.77 9.44 -2.09
CA SER A 75 -2.84 9.71 -3.03
C SER A 75 -3.15 11.20 -3.04
N LYS A 76 -2.85 11.85 -1.93
CA LYS A 76 -3.08 13.29 -1.80
C LYS A 76 -2.00 14.07 -2.53
N LYS A 77 -0.74 13.79 -2.20
CA LYS A 77 0.40 14.50 -2.81
C LYS A 77 0.55 14.22 -4.31
N ARG A 78 0.01 13.11 -4.79
CA ARG A 78 0.12 12.76 -6.21
C ARG A 78 -0.83 13.59 -7.07
N SER A 79 -1.84 14.21 -6.48
CA SER A 79 -2.80 14.99 -7.25
C SER A 79 -3.08 16.36 -6.61
N SER A 80 -3.31 16.37 -5.32
CA SER A 80 -3.61 17.60 -4.61
C SER A 80 -2.34 18.35 -4.21
N GLU A 81 -1.46 18.56 -5.18
CA GLU A 81 -0.23 19.29 -4.95
C GLU A 81 -0.11 20.39 -6.00
N GLU A 1 12.46 9.74 -11.61
CA GLU A 1 11.87 11.09 -11.70
C GLU A 1 10.56 11.07 -12.46
N LEU A 2 10.56 10.40 -13.60
CA LEU A 2 9.37 10.27 -14.45
C LEU A 2 8.33 9.42 -13.75
N ASN A 3 8.80 8.45 -12.98
CA ASN A 3 7.91 7.55 -12.27
C ASN A 3 7.79 7.94 -10.81
N ASN A 4 6.83 8.79 -10.49
CA ASN A 4 6.61 9.18 -9.10
C ASN A 4 6.09 7.97 -8.33
N LEU A 5 5.48 7.06 -9.07
CA LEU A 5 4.94 5.82 -8.54
C LEU A 5 6.02 5.03 -7.82
N ARG A 6 7.27 5.24 -8.24
CA ARG A 6 8.41 4.57 -7.65
C ARG A 6 8.49 4.86 -6.15
N MET A 7 8.19 6.12 -5.79
CA MET A 7 8.22 6.53 -4.39
C MET A 7 7.05 5.91 -3.64
N THR A 8 5.92 5.79 -4.31
CA THR A 8 4.72 5.19 -3.75
C THR A 8 5.00 3.75 -3.35
N TYR A 9 5.53 3.00 -4.30
CA TYR A 9 5.88 1.60 -4.10
C TYR A 9 7.00 1.46 -3.06
N GLU A 10 7.95 2.38 -3.10
CA GLU A 10 9.08 2.35 -2.17
C GLU A 10 8.61 2.61 -0.73
N ARG A 11 7.76 3.61 -0.55
CA ARG A 11 7.25 3.93 0.79
C ARG A 11 6.43 2.77 1.34
N LEU A 12 5.77 2.05 0.45
CA LEU A 12 4.97 0.89 0.85
C LEU A 12 5.89 -0.25 1.23
N ARG A 13 7.00 -0.37 0.53
CA ARG A 13 7.99 -1.40 0.81
C ARG A 13 8.67 -1.10 2.14
N GLU A 14 8.90 0.18 2.38
CA GLU A 14 9.54 0.65 3.61
C GLU A 14 8.61 0.48 4.80
N LEU A 15 7.32 0.72 4.56
CA LEU A 15 6.32 0.59 5.61
C LEU A 15 6.05 -0.89 5.87
N SER A 16 6.05 -1.67 4.80
CA SER A 16 5.81 -3.10 4.86
C SER A 16 6.93 -3.78 5.67
N LEU A 17 8.12 -3.23 5.58
CA LEU A 17 9.25 -3.77 6.30
C LEU A 17 9.20 -3.36 7.76
N ASN A 18 8.67 -2.16 8.01
CA ASN A 18 8.55 -1.63 9.36
C ASN A 18 7.43 -2.32 10.14
N LEU A 19 6.21 -2.23 9.64
CA LEU A 19 5.06 -2.85 10.30
C LEU A 19 5.22 -4.35 10.37
N GLY A 20 5.80 -4.93 9.33
CA GLY A 20 6.02 -6.36 9.30
C GLY A 20 6.98 -6.85 10.37
N ASN A 21 7.90 -6.00 10.78
CA ASN A 21 8.87 -6.38 11.80
C ASN A 21 8.44 -5.84 13.16
N ARG A 22 7.48 -4.93 13.16
CA ARG A 22 6.97 -4.35 14.39
C ARG A 22 5.80 -5.16 14.94
N MET A 23 5.38 -6.15 14.18
CA MET A 23 4.26 -7.01 14.58
C MET A 23 4.78 -8.25 15.30
N VAL A 24 3.89 -8.90 16.06
CA VAL A 24 4.25 -10.10 16.82
C VAL A 24 3.28 -11.24 16.52
N PRO A 25 3.75 -12.30 15.86
CA PRO A 25 5.14 -12.41 15.42
C PRO A 25 5.39 -11.63 14.13
N PRO A 26 6.66 -11.31 13.83
CA PRO A 26 7.02 -10.57 12.61
C PRO A 26 6.43 -11.21 11.36
N VAL A 27 5.72 -10.41 10.60
CA VAL A 27 5.07 -10.87 9.38
C VAL A 27 6.09 -11.20 8.32
N GLY A 28 7.07 -10.34 8.17
CA GLY A 28 8.09 -10.54 7.16
C GLY A 28 7.59 -10.08 5.81
N ASN A 29 6.61 -10.79 5.27
CA ASN A 29 6.02 -10.44 4.00
C ASN A 29 4.68 -9.76 4.22
N PHE A 30 4.73 -8.62 4.93
CA PHE A 30 3.56 -7.80 5.25
C PHE A 30 2.57 -7.75 4.09
N MET A 31 2.86 -6.90 3.11
CA MET A 31 2.02 -6.77 1.94
C MET A 31 2.75 -7.39 0.76
N PRO A 32 2.10 -8.32 0.05
CA PRO A 32 2.71 -9.00 -1.11
C PRO A 32 3.13 -8.01 -2.20
N ASP A 33 4.24 -8.33 -2.87
CA ASP A 33 4.78 -7.49 -3.94
C ASP A 33 3.72 -7.17 -4.98
N SER A 34 2.89 -8.16 -5.29
CA SER A 34 1.82 -8.00 -6.26
C SER A 34 0.81 -6.93 -5.81
N ILE A 35 0.46 -6.96 -4.54
CA ILE A 35 -0.48 -6.01 -3.98
C ILE A 35 0.14 -4.63 -3.86
N LEU A 36 1.43 -4.59 -3.51
CA LEU A 36 2.13 -3.30 -3.36
C LEU A 36 2.21 -2.58 -4.71
N LYS A 37 2.40 -3.35 -5.77
CA LYS A 37 2.50 -2.79 -7.11
C LYS A 37 1.17 -2.18 -7.58
N LYS A 38 0.09 -2.93 -7.48
CA LYS A 38 -1.21 -2.44 -7.92
C LYS A 38 -1.72 -1.31 -7.01
N MET A 39 -1.52 -1.47 -5.71
CA MET A 39 -1.98 -0.48 -4.75
C MET A 39 -1.25 0.84 -4.93
N ALA A 40 0.01 0.76 -5.37
CA ALA A 40 0.79 1.98 -5.60
C ALA A 40 0.38 2.66 -6.90
N ALA A 41 -0.07 1.85 -7.85
CA ALA A 41 -0.48 2.36 -9.16
C ALA A 41 -1.90 2.94 -9.12
N ILE A 42 -2.79 2.29 -8.41
CA ILE A 42 -4.18 2.74 -8.32
C ILE A 42 -4.36 3.73 -7.18
N LEU A 43 -3.64 3.51 -6.09
CA LEU A 43 -3.71 4.36 -4.91
C LEU A 43 -5.15 4.53 -4.43
N PRO A 44 -5.76 3.46 -3.91
CA PRO A 44 -7.13 3.46 -3.42
C PRO A 44 -7.26 4.07 -2.02
N MET A 45 -7.89 5.24 -1.95
CA MET A 45 -8.06 5.94 -0.69
C MET A 45 -9.17 5.34 0.16
N ASN A 46 -10.07 4.56 -0.45
CA ASN A 46 -11.17 3.97 0.29
C ASN A 46 -11.45 2.55 -0.19
N ASP A 47 -12.34 1.86 0.51
CA ASP A 47 -12.72 0.48 0.19
C ASP A 47 -13.29 0.36 -1.23
N SER A 48 -14.10 1.33 -1.63
CA SER A 48 -14.70 1.34 -2.96
C SER A 48 -13.63 1.48 -4.04
N ALA A 49 -12.64 2.32 -3.76
CA ALA A 49 -11.52 2.56 -4.67
C ALA A 49 -10.66 1.31 -4.78
N PHE A 50 -10.69 0.48 -3.74
CA PHE A 50 -9.94 -0.75 -3.69
C PHE A 50 -10.41 -1.74 -4.76
N ALA A 51 -11.64 -1.58 -5.23
CA ALA A 51 -12.22 -2.47 -6.23
C ALA A 51 -11.36 -2.56 -7.50
N THR A 52 -10.60 -1.51 -7.79
CA THR A 52 -9.75 -1.48 -8.97
C THR A 52 -8.48 -2.31 -8.78
N LEU A 53 -8.32 -2.91 -7.60
CA LEU A 53 -7.18 -3.77 -7.31
C LEU A 53 -7.50 -5.18 -7.76
N GLY A 54 -8.61 -5.33 -8.46
CA GLY A 54 -9.05 -6.63 -8.91
C GLY A 54 -9.88 -7.31 -7.85
N THR A 55 -9.20 -7.88 -6.85
CA THR A 55 -9.87 -8.54 -5.73
C THR A 55 -8.91 -8.76 -4.58
N VAL A 56 -9.12 -8.06 -3.47
CA VAL A 56 -8.26 -8.20 -2.31
C VAL A 56 -8.99 -8.96 -1.20
N GLU A 57 -8.48 -10.15 -0.89
CA GLU A 57 -9.07 -11.00 0.13
C GLU A 57 -9.11 -10.31 1.49
N ASP A 58 -9.96 -10.81 2.38
CA ASP A 58 -10.10 -10.26 3.73
C ASP A 58 -8.74 -10.25 4.44
N LYS A 59 -7.94 -11.29 4.17
CA LYS A 59 -6.61 -11.41 4.75
C LYS A 59 -5.72 -10.24 4.30
N TYR A 60 -6.03 -9.68 3.14
CA TYR A 60 -5.26 -8.56 2.60
C TYR A 60 -5.80 -7.23 3.13
N ARG A 61 -7.12 -7.17 3.35
CA ARG A 61 -7.76 -5.95 3.85
C ARG A 61 -7.27 -5.60 5.25
N ARG A 62 -6.98 -6.62 6.06
CA ARG A 62 -6.50 -6.37 7.41
C ARG A 62 -5.21 -5.56 7.40
N ARG A 63 -4.32 -5.88 6.47
CA ARG A 63 -3.05 -5.17 6.39
C ARG A 63 -3.23 -3.85 5.66
N PHE A 64 -4.43 -3.66 5.12
CA PHE A 64 -4.75 -2.44 4.40
C PHE A 64 -5.01 -1.31 5.37
N LYS A 65 -5.59 -1.64 6.52
CA LYS A 65 -5.88 -0.65 7.55
C LYS A 65 -4.57 -0.04 8.08
N TYR A 66 -3.47 -0.78 7.92
CA TYR A 66 -2.16 -0.31 8.36
C TYR A 66 -1.49 0.52 7.27
N PHE A 67 -2.10 0.55 6.09
CA PHE A 67 -1.52 1.28 4.95
C PHE A 67 -2.38 2.48 4.53
N LYS A 68 -3.62 2.52 4.99
CA LYS A 68 -4.55 3.58 4.62
C LYS A 68 -3.97 4.98 4.83
N ALA A 69 -3.17 5.16 5.87
CA ALA A 69 -2.57 6.46 6.13
C ALA A 69 -1.53 6.80 5.06
N THR A 70 -0.84 5.77 4.60
CA THR A 70 0.18 5.94 3.58
C THR A 70 -0.44 6.09 2.19
N ILE A 71 -1.44 5.25 1.91
CA ILE A 71 -2.13 5.30 0.61
C ILE A 71 -2.78 6.66 0.41
N ALA A 72 -3.32 7.22 1.48
CA ALA A 72 -3.95 8.54 1.42
C ALA A 72 -2.93 9.63 1.12
N ASP A 73 -1.77 9.54 1.77
CA ASP A 73 -0.69 10.50 1.59
C ASP A 73 -0.16 10.45 0.17
N LEU A 74 0.18 9.25 -0.30
CA LEU A 74 0.71 9.10 -1.65
C LEU A 74 -0.34 9.46 -2.70
N SER A 75 -1.62 9.29 -2.38
CA SER A 75 -2.69 9.64 -3.30
C SER A 75 -2.82 11.16 -3.38
N LYS A 76 -2.50 11.82 -2.27
CA LYS A 76 -2.54 13.28 -2.21
C LYS A 76 -1.35 13.82 -2.97
N LYS A 77 -0.27 13.06 -2.99
CA LYS A 77 0.93 13.44 -3.69
C LYS A 77 0.69 13.37 -5.20
N ARG A 78 -0.16 12.44 -5.62
CA ARG A 78 -0.52 12.30 -7.02
C ARG A 78 -1.19 13.59 -7.51
N SER A 79 -1.11 13.84 -8.82
CA SER A 79 -1.67 15.05 -9.44
C SER A 79 -0.75 16.25 -9.23
N SER A 80 0.22 16.10 -8.34
CA SER A 80 1.17 17.16 -8.05
C SER A 80 2.52 16.79 -8.65
N GLU A 81 2.73 15.49 -8.86
CA GLU A 81 3.96 15.00 -9.44
C GLU A 81 3.65 14.18 -10.70
N GLU A 1 10.77 12.49 -15.61
CA GLU A 1 10.83 11.48 -14.55
C GLU A 1 9.45 11.30 -13.92
N LEU A 2 8.54 10.76 -14.70
CA LEU A 2 7.18 10.54 -14.27
C LEU A 2 7.04 9.22 -13.51
N ASN A 3 8.17 8.57 -13.25
CA ASN A 3 8.19 7.30 -12.53
C ASN A 3 7.98 7.52 -11.04
N ASN A 4 6.89 8.19 -10.70
CA ASN A 4 6.56 8.47 -9.32
C ASN A 4 6.00 7.23 -8.63
N LEU A 5 5.61 6.24 -9.45
CA LEU A 5 5.06 4.99 -8.94
C LEU A 5 6.08 4.32 -8.03
N ARG A 6 7.35 4.49 -8.36
CA ARG A 6 8.45 3.93 -7.59
C ARG A 6 8.47 4.52 -6.18
N MET A 7 8.17 5.82 -6.08
CA MET A 7 8.16 6.51 -4.78
C MET A 7 7.07 5.91 -3.89
N THR A 8 5.91 5.68 -4.49
CA THR A 8 4.78 5.10 -3.77
C THR A 8 5.10 3.69 -3.28
N TYR A 9 5.60 2.88 -4.20
CA TYR A 9 5.98 1.51 -3.90
C TYR A 9 7.06 1.44 -2.81
N GLU A 10 7.96 2.41 -2.83
CA GLU A 10 9.05 2.48 -1.87
C GLU A 10 8.53 2.74 -0.45
N ARG A 11 7.68 3.76 -0.29
CA ARG A 11 7.13 4.08 1.03
C ARG A 11 6.30 2.91 1.58
N LEU A 12 5.66 2.19 0.66
CA LEU A 12 4.85 1.03 1.02
C LEU A 12 5.74 -0.14 1.43
N ARG A 13 6.87 -0.30 0.73
CA ARG A 13 7.80 -1.38 1.02
C ARG A 13 8.48 -1.15 2.36
N GLU A 14 8.84 0.10 2.63
CA GLU A 14 9.49 0.44 3.89
C GLU A 14 8.51 0.28 5.04
N LEU A 15 7.26 0.61 4.79
CA LEU A 15 6.22 0.51 5.79
C LEU A 15 5.88 -0.96 6.02
N SER A 16 5.94 -1.73 4.94
CA SER A 16 5.66 -3.16 4.99
C SER A 16 6.71 -3.89 5.82
N LEU A 17 7.94 -3.40 5.77
CA LEU A 17 9.01 -4.01 6.55
C LEU A 17 8.95 -3.49 7.99
N ASN A 18 8.51 -2.24 8.14
CA ASN A 18 8.40 -1.59 9.44
C ASN A 18 7.35 -2.27 10.29
N LEU A 19 6.11 -2.23 9.81
CA LEU A 19 5.00 -2.84 10.53
C LEU A 19 5.15 -4.36 10.52
N GLY A 20 5.72 -4.87 9.44
CA GLY A 20 5.91 -6.30 9.29
C GLY A 20 6.84 -6.90 10.34
N ASN A 21 7.97 -6.24 10.60
CA ASN A 21 8.90 -6.77 11.60
C ASN A 21 8.51 -6.39 13.01
N ARG A 22 7.56 -5.47 13.13
CA ARG A 22 7.07 -5.03 14.42
C ARG A 22 5.88 -5.88 14.84
N MET A 23 5.45 -6.77 13.95
CA MET A 23 4.33 -7.65 14.23
C MET A 23 4.85 -8.97 14.82
N VAL A 24 4.00 -9.67 15.56
CA VAL A 24 4.36 -10.95 16.16
C VAL A 24 3.28 -11.99 15.89
N PRO A 25 3.59 -13.05 15.11
CA PRO A 25 4.92 -13.24 14.50
C PRO A 25 5.19 -12.27 13.35
N PRO A 26 6.47 -11.91 13.13
CA PRO A 26 6.85 -10.99 12.05
C PRO A 26 6.40 -11.48 10.67
N VAL A 27 5.89 -10.55 9.89
CA VAL A 27 5.40 -10.86 8.55
C VAL A 27 6.51 -10.68 7.53
N GLY A 28 6.88 -11.75 6.85
CA GLY A 28 7.90 -11.67 5.83
C GLY A 28 7.40 -10.95 4.59
N ASN A 29 6.09 -10.94 4.45
CA ASN A 29 5.43 -10.27 3.33
C ASN A 29 4.18 -9.56 3.82
N PHE A 30 4.38 -8.42 4.48
CA PHE A 30 3.28 -7.61 5.01
C PHE A 30 2.25 -7.42 3.91
N MET A 31 2.70 -6.87 2.79
CA MET A 31 1.87 -6.69 1.63
C MET A 31 2.63 -7.25 0.43
N PRO A 32 2.03 -8.18 -0.34
CA PRO A 32 2.70 -8.79 -1.48
C PRO A 32 3.10 -7.78 -2.54
N ASP A 33 4.28 -7.96 -3.12
CA ASP A 33 4.78 -7.03 -4.14
C ASP A 33 3.76 -6.80 -5.26
N SER A 34 3.03 -7.85 -5.63
CA SER A 34 2.03 -7.75 -6.66
C SER A 34 0.93 -6.75 -6.27
N ILE A 35 0.54 -6.80 -5.01
CA ILE A 35 -0.49 -5.89 -4.50
C ILE A 35 0.10 -4.50 -4.26
N LEU A 36 1.36 -4.47 -3.79
CA LEU A 36 2.05 -3.20 -3.54
C LEU A 36 2.15 -2.39 -4.83
N LYS A 37 2.33 -3.08 -5.94
CA LYS A 37 2.45 -2.45 -7.24
C LYS A 37 1.12 -1.91 -7.75
N LYS A 38 0.04 -2.70 -7.65
CA LYS A 38 -1.25 -2.20 -8.12
C LYS A 38 -1.77 -1.10 -7.20
N MET A 39 -1.57 -1.27 -5.91
CA MET A 39 -2.00 -0.30 -4.92
C MET A 39 -1.20 1.00 -5.08
N ALA A 40 0.04 0.89 -5.50
CA ALA A 40 0.89 2.06 -5.70
C ALA A 40 0.56 2.79 -6.99
N ALA A 41 0.09 2.05 -7.98
CA ALA A 41 -0.25 2.64 -9.27
C ALA A 41 -1.61 3.33 -9.23
N ILE A 42 -2.57 2.71 -8.56
CA ILE A 42 -3.91 3.26 -8.50
C ILE A 42 -4.07 4.21 -7.30
N LEU A 43 -3.52 3.79 -6.17
CA LEU A 43 -3.60 4.56 -4.93
C LEU A 43 -5.05 4.86 -4.59
N PRO A 44 -5.78 3.84 -4.10
CA PRO A 44 -7.19 3.98 -3.76
C PRO A 44 -7.40 4.67 -2.42
N MET A 45 -7.97 5.86 -2.47
CA MET A 45 -8.24 6.63 -1.25
C MET A 45 -9.64 6.33 -0.72
N ASN A 46 -10.25 5.30 -1.26
CA ASN A 46 -11.59 4.91 -0.88
C ASN A 46 -11.72 3.39 -0.87
N ASP A 47 -12.58 2.87 0.00
CA ASP A 47 -12.79 1.43 0.11
C ASP A 47 -13.40 0.87 -1.17
N SER A 48 -14.26 1.66 -1.82
CA SER A 48 -14.89 1.26 -3.06
C SER A 48 -13.83 1.22 -4.15
N ALA A 49 -12.91 2.18 -4.08
CA ALA A 49 -11.80 2.28 -5.04
C ALA A 49 -10.88 1.08 -4.91
N PHE A 50 -10.79 0.54 -3.70
CA PHE A 50 -9.95 -0.63 -3.40
C PHE A 50 -10.32 -1.82 -4.28
N ALA A 51 -11.56 -1.83 -4.76
CA ALA A 51 -12.05 -2.92 -5.61
C ALA A 51 -11.26 -3.01 -6.91
N THR A 52 -10.61 -1.91 -7.30
CA THR A 52 -9.83 -1.87 -8.53
C THR A 52 -8.60 -2.80 -8.44
N LEU A 53 -8.24 -3.20 -7.22
CA LEU A 53 -7.10 -4.09 -7.04
C LEU A 53 -7.54 -5.53 -7.23
N GLY A 54 -8.83 -5.72 -7.41
CA GLY A 54 -9.39 -7.04 -7.58
C GLY A 54 -10.23 -7.43 -6.39
N THR A 55 -10.34 -8.70 -6.12
CA THR A 55 -11.11 -9.16 -4.98
C THR A 55 -10.17 -9.53 -3.84
N VAL A 56 -9.53 -8.52 -3.25
CA VAL A 56 -8.58 -8.74 -2.16
C VAL A 56 -9.24 -9.51 -1.02
N GLU A 57 -8.52 -10.48 -0.50
CA GLU A 57 -9.01 -11.29 0.59
C GLU A 57 -8.92 -10.54 1.90
N ASP A 58 -9.63 -11.02 2.92
CA ASP A 58 -9.60 -10.39 4.23
C ASP A 58 -8.17 -10.35 4.76
N LYS A 59 -7.38 -11.36 4.40
CA LYS A 59 -5.99 -11.45 4.82
C LYS A 59 -5.20 -10.24 4.28
N TYR A 60 -5.65 -9.69 3.17
CA TYR A 60 -5.00 -8.53 2.57
C TYR A 60 -5.57 -7.25 3.17
N ARG A 61 -6.86 -7.31 3.50
CA ARG A 61 -7.56 -6.18 4.10
C ARG A 61 -6.99 -5.84 5.47
N ARG A 62 -6.52 -6.84 6.21
CA ARG A 62 -5.94 -6.62 7.52
C ARG A 62 -4.83 -5.59 7.46
N ARG A 63 -3.85 -5.85 6.60
CA ARG A 63 -2.71 -4.96 6.45
C ARG A 63 -3.10 -3.70 5.69
N PHE A 64 -4.30 -3.71 5.14
CA PHE A 64 -4.81 -2.57 4.39
C PHE A 64 -5.15 -1.43 5.33
N LYS A 65 -5.69 -1.77 6.49
CA LYS A 65 -6.05 -0.78 7.49
C LYS A 65 -4.80 -0.10 8.06
N TYR A 66 -3.66 -0.78 7.95
CA TYR A 66 -2.39 -0.25 8.44
C TYR A 66 -1.68 0.56 7.36
N PHE A 67 -2.27 0.56 6.17
CA PHE A 67 -1.69 1.27 5.02
C PHE A 67 -2.54 2.45 4.59
N LYS A 68 -3.77 2.53 5.08
CA LYS A 68 -4.71 3.59 4.69
C LYS A 68 -4.16 5.01 4.89
N ALA A 69 -3.27 5.20 5.84
CA ALA A 69 -2.71 6.54 6.07
C ALA A 69 -1.64 6.87 5.03
N THR A 70 -0.90 5.85 4.64
CA THR A 70 0.16 6.01 3.66
C THR A 70 -0.42 6.07 2.25
N ILE A 71 -1.30 5.12 1.93
CA ILE A 71 -1.93 5.07 0.62
C ILE A 71 -2.66 6.38 0.31
N ALA A 72 -3.30 6.93 1.33
CA ALA A 72 -4.02 8.18 1.18
C ALA A 72 -3.05 9.33 0.98
N ASP A 73 -2.02 9.37 1.82
CA ASP A 73 -1.02 10.41 1.75
C ASP A 73 -0.29 10.41 0.42
N LEU A 74 0.06 9.22 -0.06
CA LEU A 74 0.77 9.08 -1.32
C LEU A 74 -0.04 9.67 -2.49
N SER A 75 -1.37 9.63 -2.36
CA SER A 75 -2.23 10.19 -3.39
C SER A 75 -2.29 11.71 -3.26
N LYS A 76 -2.12 12.19 -2.03
CA LYS A 76 -2.12 13.62 -1.75
C LYS A 76 -0.86 14.25 -2.33
N LYS A 77 0.26 13.56 -2.16
CA LYS A 77 1.54 14.03 -2.68
C LYS A 77 1.55 13.89 -4.20
N ARG A 78 0.77 12.96 -4.72
CA ARG A 78 0.68 12.74 -6.15
C ARG A 78 -0.29 13.76 -6.78
N SER A 79 -0.12 15.03 -6.42
CA SER A 79 -0.96 16.09 -6.94
C SER A 79 -0.55 16.40 -8.38
N SER A 80 0.72 16.16 -8.68
CA SER A 80 1.29 16.39 -10.00
C SER A 80 1.37 17.89 -10.29
N GLU A 81 1.46 18.66 -9.22
CA GLU A 81 1.57 20.11 -9.31
C GLU A 81 2.09 20.66 -8.00
N GLU A 1 9.26 7.16 -16.29
CA GLU A 1 8.46 8.37 -16.26
C GLU A 1 7.64 8.34 -14.98
N LEU A 2 7.48 7.14 -14.43
CA LEU A 2 6.73 6.94 -13.20
C LEU A 2 7.67 7.00 -12.01
N ASN A 3 8.50 8.04 -11.99
CA ASN A 3 9.47 8.24 -10.92
C ASN A 3 8.81 8.39 -9.57
N ASN A 4 7.66 9.06 -9.55
CA ASN A 4 6.92 9.27 -8.31
C ASN A 4 6.27 7.96 -7.85
N LEU A 5 5.76 7.18 -8.81
CA LEU A 5 5.14 5.90 -8.49
C LEU A 5 6.16 4.97 -7.84
N ARG A 6 7.43 5.14 -8.23
CA ARG A 6 8.50 4.35 -7.67
C ARG A 6 8.66 4.68 -6.19
N MET A 7 8.50 5.96 -5.86
CA MET A 7 8.59 6.41 -4.48
C MET A 7 7.41 5.87 -3.68
N THR A 8 6.26 5.79 -4.34
CA THR A 8 5.04 5.26 -3.76
C THR A 8 5.23 3.80 -3.38
N TYR A 9 5.78 3.03 -4.34
CA TYR A 9 6.03 1.62 -4.13
C TYR A 9 7.10 1.40 -3.06
N GLU A 10 8.16 2.20 -3.12
CA GLU A 10 9.26 2.10 -2.15
C GLU A 10 8.78 2.43 -0.75
N ARG A 11 7.91 3.45 -0.66
CA ARG A 11 7.36 3.86 0.63
C ARG A 11 6.49 2.74 1.20
N LEU A 12 5.88 1.98 0.30
CA LEU A 12 5.03 0.86 0.68
C LEU A 12 5.87 -0.32 1.14
N ARG A 13 7.02 -0.51 0.50
CA ARG A 13 7.91 -1.61 0.85
C ARG A 13 8.62 -1.30 2.16
N GLU A 14 9.01 -0.05 2.33
CA GLU A 14 9.66 0.36 3.56
C GLU A 14 8.68 0.27 4.72
N LEU A 15 7.43 0.59 4.44
CA LEU A 15 6.37 0.54 5.44
C LEU A 15 6.00 -0.92 5.70
N SER A 16 6.07 -1.74 4.65
CA SER A 16 5.75 -3.16 4.74
C SER A 16 6.78 -3.90 5.59
N LEU A 17 8.04 -3.53 5.44
CA LEU A 17 9.11 -4.16 6.20
C LEU A 17 9.13 -3.63 7.64
N ASN A 18 8.72 -2.39 7.79
CA ASN A 18 8.66 -1.76 9.10
C ASN A 18 7.48 -2.28 9.91
N LEU A 19 6.28 -2.14 9.35
CA LEU A 19 5.06 -2.58 10.02
C LEU A 19 5.10 -4.09 10.25
N GLY A 20 5.64 -4.83 9.28
CA GLY A 20 5.72 -6.26 9.42
C GLY A 20 6.61 -6.65 10.57
N ASN A 21 7.79 -6.02 10.63
CA ASN A 21 8.75 -6.27 11.70
C ASN A 21 8.23 -5.67 13.01
N ARG A 22 7.18 -4.86 12.88
CA ARG A 22 6.54 -4.21 14.02
C ARG A 22 5.39 -5.07 14.54
N MET A 23 5.15 -6.18 13.86
CA MET A 23 4.09 -7.10 14.23
C MET A 23 4.67 -8.32 14.92
N VAL A 24 3.83 -9.10 15.59
CA VAL A 24 4.29 -10.30 16.28
C VAL A 24 3.40 -11.49 15.91
N PRO A 25 3.94 -12.48 15.18
CA PRO A 25 5.33 -12.46 14.73
C PRO A 25 5.52 -11.53 13.53
N PRO A 26 6.76 -11.03 13.32
CA PRO A 26 7.06 -10.11 12.22
C PRO A 26 6.70 -10.69 10.86
N VAL A 27 5.96 -9.91 10.09
CA VAL A 27 5.55 -10.32 8.77
C VAL A 27 6.47 -9.73 7.72
N GLY A 28 7.35 -10.55 7.17
CA GLY A 28 8.29 -10.10 6.16
C GLY A 28 7.60 -9.76 4.85
N ASN A 29 6.47 -10.41 4.63
CA ASN A 29 5.70 -10.19 3.43
C ASN A 29 4.38 -9.49 3.78
N PHE A 30 4.51 -8.40 4.56
CA PHE A 30 3.37 -7.60 5.02
C PHE A 30 2.37 -7.39 3.88
N MET A 31 2.88 -6.92 2.76
CA MET A 31 2.07 -6.72 1.57
C MET A 31 2.86 -7.24 0.38
N PRO A 32 2.30 -8.22 -0.35
CA PRO A 32 2.96 -8.83 -1.51
C PRO A 32 3.36 -7.81 -2.57
N ASP A 33 4.49 -8.08 -3.24
CA ASP A 33 5.00 -7.18 -4.28
C ASP A 33 3.94 -6.87 -5.32
N SER A 34 3.15 -7.87 -5.67
CA SER A 34 2.09 -7.71 -6.66
C SER A 34 1.04 -6.71 -6.17
N ILE A 35 0.68 -6.82 -4.89
CA ILE A 35 -0.31 -5.93 -4.31
C ILE A 35 0.26 -4.53 -4.11
N LEU A 36 1.53 -4.46 -3.73
CA LEU A 36 2.19 -3.18 -3.51
C LEU A 36 2.20 -2.37 -4.79
N LYS A 37 2.41 -3.05 -5.90
CA LYS A 37 2.49 -2.40 -7.19
C LYS A 37 1.15 -1.84 -7.65
N LYS A 38 0.08 -2.64 -7.57
CA LYS A 38 -1.24 -2.17 -8.00
C LYS A 38 -1.76 -1.07 -7.08
N MET A 39 -1.56 -1.26 -5.78
CA MET A 39 -2.00 -0.30 -4.80
C MET A 39 -1.24 1.02 -4.95
N ALA A 40 0.00 0.95 -5.42
CA ALA A 40 0.81 2.14 -5.63
C ALA A 40 0.44 2.85 -6.92
N ALA A 41 -0.04 2.09 -7.89
CA ALA A 41 -0.42 2.66 -9.17
C ALA A 41 -1.80 3.29 -9.13
N ILE A 42 -2.76 2.59 -8.53
CA ILE A 42 -4.13 3.09 -8.43
C ILE A 42 -4.26 4.06 -7.26
N LEU A 43 -3.54 3.76 -6.18
CA LEU A 43 -3.55 4.57 -4.97
C LEU A 43 -4.97 4.78 -4.42
N PRO A 44 -5.61 3.71 -3.91
CA PRO A 44 -6.96 3.78 -3.35
C PRO A 44 -6.92 4.31 -1.91
N MET A 45 -7.33 5.57 -1.74
CA MET A 45 -7.31 6.22 -0.44
C MET A 45 -8.35 5.67 0.54
N ASN A 46 -9.32 4.90 0.04
CA ASN A 46 -10.36 4.33 0.90
C ASN A 46 -10.95 3.08 0.27
N ASP A 47 -12.01 2.56 0.90
CA ASP A 47 -12.69 1.37 0.38
C ASP A 47 -13.37 1.71 -0.92
N SER A 48 -14.10 0.74 -1.47
CA SER A 48 -14.82 0.90 -2.73
C SER A 48 -13.85 0.99 -3.91
N ALA A 49 -12.83 1.84 -3.80
CA ALA A 49 -11.82 1.97 -4.84
C ALA A 49 -10.90 0.76 -4.81
N PHE A 50 -10.75 0.19 -3.61
CA PHE A 50 -9.91 -0.98 -3.37
C PHE A 50 -10.25 -2.14 -4.31
N ALA A 51 -11.49 -2.17 -4.78
CA ALA A 51 -11.95 -3.21 -5.68
C ALA A 51 -11.15 -3.23 -6.99
N THR A 52 -10.55 -2.10 -7.34
CA THR A 52 -9.77 -2.00 -8.57
C THR A 52 -8.45 -2.75 -8.46
N LEU A 53 -8.08 -3.16 -7.25
CA LEU A 53 -6.86 -3.90 -7.02
C LEU A 53 -7.02 -5.35 -7.50
N GLY A 54 -8.24 -5.71 -7.83
CA GLY A 54 -8.50 -7.07 -8.28
C GLY A 54 -9.35 -7.82 -7.29
N THR A 55 -8.77 -8.81 -6.63
CA THR A 55 -9.49 -9.59 -5.65
C THR A 55 -8.68 -9.75 -4.36
N VAL A 56 -8.54 -8.66 -3.60
CA VAL A 56 -7.81 -8.73 -2.36
C VAL A 56 -8.63 -9.49 -1.32
N GLU A 57 -8.00 -10.47 -0.69
CA GLU A 57 -8.66 -11.28 0.31
C GLU A 57 -9.00 -10.43 1.52
N ASP A 58 -9.93 -10.92 2.33
CA ASP A 58 -10.36 -10.24 3.54
C ASP A 58 -9.17 -10.09 4.47
N LYS A 59 -8.28 -11.08 4.45
CA LYS A 59 -7.07 -11.07 5.26
C LYS A 59 -6.17 -9.91 4.83
N TYR A 60 -6.26 -9.53 3.56
CA TYR A 60 -5.48 -8.41 3.05
C TYR A 60 -6.12 -7.10 3.46
N ARG A 61 -7.46 -7.10 3.47
CA ARG A 61 -8.23 -5.92 3.87
C ARG A 61 -7.95 -5.59 5.35
N ARG A 62 -7.74 -6.65 6.13
CA ARG A 62 -7.45 -6.53 7.55
C ARG A 62 -6.23 -5.68 7.82
N ARG A 63 -5.06 -6.16 7.41
CA ARG A 63 -3.83 -5.43 7.63
C ARG A 63 -3.73 -4.25 6.65
N PHE A 64 -4.70 -4.15 5.77
CA PHE A 64 -4.75 -3.06 4.79
C PHE A 64 -4.86 -1.71 5.50
N LYS A 65 -5.58 -1.72 6.62
CA LYS A 65 -5.79 -0.51 7.41
C LYS A 65 -4.46 0.14 7.83
N TYR A 66 -3.39 -0.63 7.88
CA TYR A 66 -2.09 -0.11 8.27
C TYR A 66 -1.45 0.69 7.15
N PHE A 67 -2.06 0.64 5.97
CA PHE A 67 -1.56 1.36 4.80
C PHE A 67 -2.52 2.48 4.40
N LYS A 68 -3.75 2.40 4.89
CA LYS A 68 -4.80 3.36 4.55
C LYS A 68 -4.40 4.82 4.72
N ALA A 69 -3.53 5.12 5.68
CA ALA A 69 -3.10 6.51 5.87
C ALA A 69 -1.98 6.87 4.90
N THR A 70 -1.16 5.89 4.58
CA THR A 70 -0.06 6.07 3.66
C THR A 70 -0.56 6.19 2.22
N ILE A 71 -1.47 5.30 1.82
CA ILE A 71 -2.04 5.33 0.48
C ILE A 71 -2.75 6.65 0.23
N ALA A 72 -3.43 7.14 1.27
CA ALA A 72 -4.14 8.41 1.18
C ALA A 72 -3.16 9.56 0.98
N ASP A 73 -2.10 9.56 1.77
CA ASP A 73 -1.07 10.59 1.68
C ASP A 73 -0.35 10.51 0.34
N LEU A 74 -0.03 9.29 -0.09
CA LEU A 74 0.64 9.07 -1.36
C LEU A 74 -0.21 9.54 -2.51
N SER A 75 -1.52 9.44 -2.35
CA SER A 75 -2.47 9.85 -3.39
C SER A 75 -2.52 11.36 -3.51
N LYS A 76 -2.30 12.06 -2.41
CA LYS A 76 -2.32 13.52 -2.40
C LYS A 76 -0.96 14.08 -2.81
N LYS A 77 0.09 13.29 -2.61
CA LYS A 77 1.43 13.71 -2.96
C LYS A 77 1.64 13.58 -4.47
N ARG A 78 1.07 12.53 -5.04
CA ARG A 78 1.16 12.26 -6.48
C ARG A 78 0.13 13.08 -7.26
N SER A 79 0.06 14.37 -6.99
CA SER A 79 -0.89 15.25 -7.68
C SER A 79 -0.24 15.91 -8.89
N SER A 80 0.84 16.65 -8.65
CA SER A 80 1.55 17.33 -9.72
C SER A 80 2.95 16.76 -9.86
N GLU A 81 3.32 15.89 -8.95
CA GLU A 81 4.63 15.26 -8.97
C GLU A 81 4.65 14.20 -10.07
N GLU A 1 6.89 12.69 -16.12
CA GLU A 1 7.37 11.31 -16.27
C GLU A 1 8.30 11.00 -15.11
N LEU A 2 7.91 11.49 -13.94
CA LEU A 2 8.68 11.32 -12.72
C LEU A 2 8.53 9.91 -12.17
N ASN A 3 9.33 9.59 -11.16
CA ASN A 3 9.29 8.30 -10.51
C ASN A 3 8.35 8.35 -9.32
N ASN A 4 7.16 8.90 -9.56
CA ASN A 4 6.15 9.03 -8.53
C ASN A 4 5.63 7.65 -8.13
N LEU A 5 5.34 6.82 -9.12
CA LEU A 5 4.86 5.47 -8.86
C LEU A 5 5.91 4.67 -8.10
N ARG A 6 7.17 4.88 -8.46
CA ARG A 6 8.26 4.21 -7.81
C ARG A 6 8.39 4.70 -6.37
N MET A 7 8.22 5.99 -6.17
CA MET A 7 8.30 6.58 -4.84
C MET A 7 7.22 5.98 -3.94
N THR A 8 6.03 5.82 -4.52
CA THR A 8 4.90 5.23 -3.82
C THR A 8 5.20 3.78 -3.47
N TYR A 9 5.76 3.05 -4.42
CA TYR A 9 6.11 1.66 -4.22
C TYR A 9 7.22 1.52 -3.18
N GLU A 10 8.21 2.41 -3.26
CA GLU A 10 9.34 2.41 -2.34
C GLU A 10 8.87 2.66 -0.90
N ARG A 11 8.02 3.65 -0.72
CA ARG A 11 7.50 3.97 0.59
C ARG A 11 6.65 2.82 1.13
N LEU A 12 5.94 2.14 0.24
CA LEU A 12 5.11 1.02 0.65
C LEU A 12 5.97 -0.18 1.02
N ARG A 13 7.01 -0.42 0.25
CA ARG A 13 7.90 -1.55 0.52
C ARG A 13 8.63 -1.35 1.85
N GLU A 14 9.08 -0.13 2.09
CA GLU A 14 9.79 0.17 3.33
C GLU A 14 8.84 0.10 4.52
N LEU A 15 7.58 0.48 4.29
CA LEU A 15 6.57 0.45 5.32
C LEU A 15 6.15 -0.98 5.61
N SER A 16 6.13 -1.81 4.57
CA SER A 16 5.76 -3.22 4.72
C SER A 16 6.78 -3.95 5.59
N LEU A 17 8.05 -3.58 5.43
CA LEU A 17 9.12 -4.19 6.20
C LEU A 17 9.09 -3.71 7.65
N ASN A 18 8.68 -2.46 7.84
CA ASN A 18 8.63 -1.88 9.17
C ASN A 18 7.39 -2.35 9.95
N LEU A 19 6.21 -2.19 9.36
CA LEU A 19 4.97 -2.61 9.99
C LEU A 19 4.93 -4.11 10.19
N GLY A 20 5.55 -4.84 9.27
CA GLY A 20 5.58 -6.28 9.36
C GLY A 20 6.24 -6.79 10.62
N ASN A 21 7.24 -6.08 11.12
CA ASN A 21 7.93 -6.46 12.33
C ASN A 21 7.41 -5.66 13.52
N ARG A 22 6.64 -4.61 13.23
CA ARG A 22 6.09 -3.77 14.29
C ARG A 22 4.69 -4.25 14.69
N MET A 23 4.20 -5.26 14.00
CA MET A 23 2.88 -5.81 14.26
C MET A 23 2.94 -6.94 15.29
N VAL A 24 1.82 -7.23 15.93
CA VAL A 24 1.76 -8.29 16.92
C VAL A 24 0.70 -9.31 16.54
N PRO A 25 1.10 -10.52 16.11
CA PRO A 25 2.52 -10.92 15.98
C PRO A 25 3.11 -10.48 14.63
N PRO A 26 4.44 -10.56 14.46
CA PRO A 26 5.11 -10.16 13.21
C PRO A 26 4.50 -10.83 11.98
N VAL A 27 4.34 -10.05 10.91
CA VAL A 27 3.76 -10.55 9.68
C VAL A 27 4.81 -11.07 8.71
N GLY A 28 6.00 -10.48 8.77
CA GLY A 28 7.06 -10.88 7.85
C GLY A 28 6.83 -10.30 6.48
N ASN A 29 5.91 -10.88 5.73
CA ASN A 29 5.57 -10.40 4.41
C ASN A 29 4.26 -9.62 4.47
N PHE A 30 4.36 -8.43 5.05
CA PHE A 30 3.20 -7.53 5.23
C PHE A 30 2.34 -7.45 3.98
N MET A 31 2.82 -6.74 2.97
CA MET A 31 2.09 -6.61 1.73
C MET A 31 2.91 -7.22 0.59
N PRO A 32 2.28 -8.05 -0.25
CA PRO A 32 2.97 -8.70 -1.37
C PRO A 32 3.29 -7.70 -2.47
N ASP A 33 4.42 -7.93 -3.16
CA ASP A 33 4.88 -7.06 -4.25
C ASP A 33 3.78 -6.76 -5.25
N SER A 34 2.97 -7.77 -5.56
CA SER A 34 1.87 -7.61 -6.50
C SER A 34 0.87 -6.56 -6.01
N ILE A 35 0.47 -6.66 -4.74
CA ILE A 35 -0.48 -5.72 -4.17
C ILE A 35 0.14 -4.35 -3.99
N LEU A 36 1.42 -4.33 -3.65
CA LEU A 36 2.12 -3.07 -3.47
C LEU A 36 2.16 -2.27 -4.77
N LYS A 37 2.32 -2.97 -5.89
CA LYS A 37 2.38 -2.33 -7.20
C LYS A 37 1.03 -1.73 -7.61
N LYS A 38 -0.02 -2.54 -7.55
CA LYS A 38 -1.36 -2.08 -7.94
C LYS A 38 -1.85 -0.97 -7.01
N MET A 39 -1.61 -1.15 -5.72
CA MET A 39 -2.03 -0.18 -4.73
C MET A 39 -1.28 1.14 -4.90
N ALA A 40 -0.04 1.06 -5.39
CA ALA A 40 0.76 2.26 -5.62
C ALA A 40 0.36 2.97 -6.91
N ALA A 41 -0.10 2.20 -7.88
CA ALA A 41 -0.50 2.76 -9.15
C ALA A 41 -1.90 3.34 -9.09
N ILE A 42 -2.80 2.66 -8.41
CA ILE A 42 -4.18 3.12 -8.30
C ILE A 42 -4.37 4.04 -7.09
N LEU A 43 -3.64 3.75 -6.02
CA LEU A 43 -3.71 4.52 -4.79
C LEU A 43 -5.16 4.62 -4.30
N PRO A 44 -5.73 3.49 -3.87
CA PRO A 44 -7.10 3.41 -3.40
C PRO A 44 -7.25 3.90 -1.97
N MET A 45 -8.04 4.95 -1.81
CA MET A 45 -8.26 5.54 -0.50
C MET A 45 -9.53 4.99 0.14
N ASN A 46 -10.43 4.45 -0.67
CA ASN A 46 -11.68 3.89 -0.17
C ASN A 46 -11.86 2.44 -0.58
N ASP A 47 -12.82 1.78 0.06
CA ASP A 47 -13.13 0.37 -0.17
C ASP A 47 -13.44 0.06 -1.64
N SER A 48 -14.27 0.89 -2.26
CA SER A 48 -14.66 0.68 -3.66
C SER A 48 -13.44 0.60 -4.57
N ALA A 49 -12.44 1.44 -4.29
CA ALA A 49 -11.22 1.46 -5.09
C ALA A 49 -10.36 0.23 -4.82
N PHE A 50 -10.49 -0.31 -3.61
CA PHE A 50 -9.72 -1.49 -3.26
C PHE A 50 -10.17 -2.70 -4.08
N ALA A 51 -11.43 -2.65 -4.53
CA ALA A 51 -11.97 -3.75 -5.32
C ALA A 51 -11.34 -3.77 -6.71
N THR A 52 -10.88 -2.62 -7.18
CA THR A 52 -10.24 -2.54 -8.50
C THR A 52 -8.79 -3.04 -8.44
N LEU A 53 -8.36 -3.45 -7.26
CA LEU A 53 -7.00 -3.98 -7.09
C LEU A 53 -6.98 -5.47 -7.46
N GLY A 54 -7.97 -5.89 -8.24
CA GLY A 54 -8.08 -7.28 -8.61
C GLY A 54 -8.69 -8.09 -7.49
N THR A 55 -9.60 -7.44 -6.75
CA THR A 55 -10.29 -8.05 -5.60
C THR A 55 -9.30 -8.59 -4.58
N VAL A 56 -8.83 -7.70 -3.72
CA VAL A 56 -7.89 -8.07 -2.67
C VAL A 56 -8.54 -8.99 -1.65
N GLU A 57 -7.81 -10.02 -1.23
CA GLU A 57 -8.32 -10.98 -0.26
C GLU A 57 -8.71 -10.28 1.02
N ASP A 58 -9.74 -10.78 1.68
CA ASP A 58 -10.23 -10.21 2.93
C ASP A 58 -9.12 -10.14 3.97
N LYS A 59 -8.24 -11.14 3.97
CA LYS A 59 -7.13 -11.18 4.91
C LYS A 59 -6.14 -10.04 4.64
N TYR A 60 -6.09 -9.59 3.40
CA TYR A 60 -5.20 -8.50 3.01
C TYR A 60 -5.84 -7.16 3.34
N ARG A 61 -7.16 -7.11 3.23
CA ARG A 61 -7.93 -5.89 3.53
C ARG A 61 -7.89 -5.57 5.03
N ARG A 62 -7.86 -6.61 5.86
CA ARG A 62 -7.84 -6.45 7.30
C ARG A 62 -6.66 -5.63 7.78
N ARG A 63 -5.45 -6.04 7.41
CA ARG A 63 -4.26 -5.32 7.83
C ARG A 63 -3.98 -4.18 6.86
N PHE A 64 -4.84 -4.07 5.85
CA PHE A 64 -4.71 -3.00 4.84
C PHE A 64 -4.73 -1.62 5.48
N LYS A 65 -5.53 -1.49 6.54
CA LYS A 65 -5.68 -0.23 7.28
C LYS A 65 -4.36 0.37 7.75
N TYR A 66 -3.34 -0.47 7.91
CA TYR A 66 -2.05 0.02 8.35
C TYR A 66 -1.33 0.77 7.23
N PHE A 67 -1.88 0.68 6.02
CA PHE A 67 -1.31 1.35 4.86
C PHE A 67 -2.15 2.55 4.46
N LYS A 68 -3.35 2.65 5.01
CA LYS A 68 -4.25 3.76 4.69
C LYS A 68 -3.63 5.11 4.97
N ALA A 69 -2.79 5.19 6.00
CA ALA A 69 -2.11 6.43 6.35
C ALA A 69 -1.09 6.81 5.29
N THR A 70 -0.51 5.79 4.67
CA THR A 70 0.48 5.98 3.64
C THR A 70 -0.17 6.26 2.28
N ILE A 71 -1.18 5.45 1.95
CA ILE A 71 -1.90 5.60 0.68
C ILE A 71 -2.51 6.99 0.58
N ALA A 72 -3.09 7.46 1.67
CA ALA A 72 -3.72 8.78 1.70
C ALA A 72 -2.68 9.87 1.43
N ASP A 73 -1.56 9.82 2.15
CA ASP A 73 -0.50 10.81 2.00
C ASP A 73 0.13 10.76 0.61
N LEU A 74 0.39 9.56 0.12
CA LEU A 74 0.99 9.39 -1.20
C LEU A 74 0.03 9.84 -2.32
N SER A 75 -1.27 9.70 -2.09
CA SER A 75 -2.26 10.11 -3.09
C SER A 75 -2.45 11.62 -3.02
N LYS A 76 -2.28 12.18 -1.84
CA LYS A 76 -2.42 13.61 -1.63
C LYS A 76 -1.22 14.34 -2.23
N LYS A 77 -0.03 13.82 -1.94
CA LYS A 77 1.20 14.40 -2.44
C LYS A 77 1.36 14.17 -3.95
N ARG A 78 0.72 13.11 -4.45
CA ARG A 78 0.79 12.77 -5.87
C ARG A 78 0.35 13.94 -6.76
N SER A 79 -0.81 14.52 -6.45
CA SER A 79 -1.33 15.64 -7.22
C SER A 79 -0.86 16.98 -6.66
N SER A 80 0.22 16.94 -5.88
CA SER A 80 0.79 18.14 -5.28
C SER A 80 2.30 18.04 -5.26
N GLU A 81 2.87 17.52 -6.32
CA GLU A 81 4.31 17.37 -6.44
C GLU A 81 4.86 18.27 -7.54
N GLU A 1 10.79 12.45 -14.10
CA GLU A 1 11.21 12.85 -12.75
C GLU A 1 10.08 12.73 -11.76
N LEU A 2 8.85 12.91 -12.25
CA LEU A 2 7.65 12.80 -11.45
C LEU A 2 7.26 11.34 -11.27
N ASN A 3 8.21 10.55 -10.80
CA ASN A 3 8.00 9.13 -10.58
C ASN A 3 7.33 8.90 -9.22
N ASN A 4 6.04 9.18 -9.16
CA ASN A 4 5.28 9.01 -7.93
C ASN A 4 5.04 7.53 -7.66
N LEU A 5 5.00 6.74 -8.72
CA LEU A 5 4.78 5.30 -8.58
C LEU A 5 5.93 4.67 -7.80
N ARG A 6 7.15 5.16 -8.03
CA ARG A 6 8.31 4.67 -7.33
C ARG A 6 8.27 5.14 -5.88
N MET A 7 7.87 6.39 -5.70
CA MET A 7 7.77 6.99 -4.38
C MET A 7 6.77 6.21 -3.52
N THR A 8 5.65 5.87 -4.13
CA THR A 8 4.60 5.11 -3.46
C THR A 8 5.10 3.70 -3.13
N TYR A 9 5.69 3.04 -4.12
CA TYR A 9 6.22 1.68 -3.95
C TYR A 9 7.29 1.66 -2.86
N GLU A 10 8.17 2.66 -2.88
CA GLU A 10 9.24 2.77 -1.90
C GLU A 10 8.67 2.91 -0.49
N ARG A 11 7.69 3.82 -0.35
CA ARG A 11 7.05 4.06 0.94
C ARG A 11 6.31 2.81 1.42
N LEU A 12 5.78 2.07 0.48
CA LEU A 12 5.06 0.84 0.79
C LEU A 12 6.04 -0.26 1.21
N ARG A 13 7.20 -0.29 0.57
CA ARG A 13 8.21 -1.30 0.88
C ARG A 13 8.83 -1.06 2.24
N GLU A 14 9.16 0.20 2.55
CA GLU A 14 9.76 0.53 3.84
C GLU A 14 8.75 0.31 4.96
N LEU A 15 7.49 0.60 4.66
CA LEU A 15 6.42 0.44 5.63
C LEU A 15 6.13 -1.04 5.84
N SER A 16 6.08 -1.78 4.74
CA SER A 16 5.80 -3.21 4.78
C SER A 16 6.87 -3.98 5.55
N LEU A 17 8.11 -3.55 5.46
CA LEU A 17 9.19 -4.22 6.16
C LEU A 17 9.19 -3.85 7.63
N ASN A 18 8.77 -2.62 7.91
CA ASN A 18 8.73 -2.12 9.28
C ASN A 18 7.59 -2.78 10.05
N LEU A 19 6.38 -2.67 9.52
CA LEU A 19 5.21 -3.25 10.15
C LEU A 19 5.30 -4.77 10.12
N GLY A 20 5.90 -5.30 9.05
CA GLY A 20 6.04 -6.73 8.92
C GLY A 20 6.87 -7.34 10.03
N ASN A 21 8.00 -6.72 10.33
CA ASN A 21 8.88 -7.21 11.38
C ASN A 21 8.34 -6.85 12.77
N ARG A 22 7.36 -5.96 12.79
CA ARG A 22 6.75 -5.54 14.05
C ARG A 22 5.54 -6.42 14.35
N MET A 23 5.20 -7.28 13.39
CA MET A 23 4.07 -8.21 13.54
C MET A 23 4.59 -9.55 14.00
N VAL A 24 3.72 -10.35 14.63
CA VAL A 24 4.11 -11.67 15.10
C VAL A 24 3.04 -12.70 14.71
N PRO A 25 3.42 -13.72 13.92
CA PRO A 25 4.80 -13.90 13.41
C PRO A 25 5.18 -12.83 12.40
N PRO A 26 6.47 -12.42 12.38
CA PRO A 26 6.97 -11.40 11.46
C PRO A 26 6.64 -11.73 10.01
N VAL A 27 6.05 -10.77 9.33
CA VAL A 27 5.68 -10.94 7.94
C VAL A 27 6.82 -10.50 7.03
N GLY A 28 7.42 -11.46 6.31
CA GLY A 28 8.51 -11.13 5.41
C GLY A 28 7.99 -10.24 4.30
N ASN A 29 6.69 -10.40 4.04
CA ASN A 29 6.00 -9.62 3.04
C ASN A 29 4.65 -9.17 3.57
N PHE A 30 4.68 -8.09 4.35
CA PHE A 30 3.49 -7.51 4.97
C PHE A 30 2.40 -7.31 3.92
N MET A 31 2.85 -6.96 2.73
CA MET A 31 1.99 -6.79 1.58
C MET A 31 2.73 -7.31 0.37
N PRO A 32 2.15 -8.24 -0.39
CA PRO A 32 2.82 -8.82 -1.56
C PRO A 32 3.24 -7.76 -2.55
N ASP A 33 4.42 -7.96 -3.15
CA ASP A 33 4.97 -7.03 -4.14
C ASP A 33 3.94 -6.73 -5.23
N SER A 34 3.16 -7.77 -5.58
CA SER A 34 2.11 -7.64 -6.58
C SER A 34 1.07 -6.59 -6.17
N ILE A 35 0.58 -6.71 -4.93
CA ILE A 35 -0.40 -5.76 -4.41
C ILE A 35 0.25 -4.40 -4.20
N LEU A 36 1.52 -4.38 -3.78
CA LEU A 36 2.23 -3.13 -3.56
C LEU A 36 2.33 -2.34 -4.87
N LYS A 37 2.50 -3.04 -5.97
CA LYS A 37 2.62 -2.39 -7.27
C LYS A 37 1.29 -1.80 -7.76
N LYS A 38 0.23 -2.60 -7.74
CA LYS A 38 -1.07 -2.10 -8.19
C LYS A 38 -1.61 -1.01 -7.27
N MET A 39 -1.40 -1.18 -5.97
CA MET A 39 -1.87 -0.21 -5.00
C MET A 39 -1.08 1.08 -5.14
N ALA A 40 0.17 0.98 -5.56
CA ALA A 40 1.01 2.14 -5.76
C ALA A 40 0.69 2.84 -7.08
N ALA A 41 0.24 2.07 -8.06
CA ALA A 41 -0.07 2.60 -9.37
C ALA A 41 -1.46 3.22 -9.40
N ILE A 42 -2.42 2.59 -8.75
CA ILE A 42 -3.78 3.10 -8.73
C ILE A 42 -4.00 4.02 -7.54
N LEU A 43 -3.44 3.63 -6.40
CA LEU A 43 -3.56 4.37 -5.15
C LEU A 43 -5.02 4.51 -4.75
N PRO A 44 -5.62 3.41 -4.26
CA PRO A 44 -7.01 3.38 -3.85
C PRO A 44 -7.18 3.78 -2.39
N MET A 45 -7.77 4.93 -2.16
CA MET A 45 -7.98 5.43 -0.81
C MET A 45 -9.24 4.82 -0.21
N ASN A 46 -10.33 4.88 -0.98
CA ASN A 46 -11.60 4.36 -0.53
C ASN A 46 -11.66 2.84 -0.75
N ASP A 47 -12.39 2.14 0.13
CA ASP A 47 -12.50 0.68 0.07
C ASP A 47 -13.20 0.18 -1.19
N SER A 48 -14.11 0.99 -1.76
CA SER A 48 -14.83 0.60 -2.98
C SER A 48 -13.88 0.58 -4.17
N ALA A 49 -12.93 1.51 -4.19
CA ALA A 49 -11.93 1.61 -5.25
C ALA A 49 -11.01 0.40 -5.21
N PHE A 50 -10.92 -0.19 -4.03
CA PHE A 50 -10.09 -1.37 -3.80
C PHE A 50 -10.52 -2.55 -4.70
N ALA A 51 -11.76 -2.53 -5.16
CA ALA A 51 -12.29 -3.59 -6.01
C ALA A 51 -11.53 -3.71 -7.34
N THR A 52 -10.94 -2.60 -7.80
CA THR A 52 -10.18 -2.60 -9.06
C THR A 52 -8.76 -3.12 -8.85
N LEU A 53 -8.38 -3.33 -7.58
CA LEU A 53 -7.07 -3.88 -7.26
C LEU A 53 -7.08 -5.37 -7.59
N GLY A 54 -8.27 -5.93 -7.67
CA GLY A 54 -8.44 -7.34 -7.96
C GLY A 54 -9.27 -7.99 -6.89
N THR A 55 -8.77 -9.06 -6.33
CA THR A 55 -9.50 -9.77 -5.29
C THR A 55 -8.69 -9.82 -3.99
N VAL A 56 -8.60 -8.70 -3.29
CA VAL A 56 -7.86 -8.68 -2.02
C VAL A 56 -8.64 -9.44 -0.96
N GLU A 57 -7.97 -10.34 -0.26
CA GLU A 57 -8.63 -11.14 0.74
C GLU A 57 -9.05 -10.30 1.95
N ASP A 58 -9.87 -10.89 2.82
CA ASP A 58 -10.33 -10.22 4.02
C ASP A 58 -9.14 -9.94 4.93
N LYS A 59 -8.20 -10.87 4.95
CA LYS A 59 -7.01 -10.73 5.75
C LYS A 59 -6.15 -9.57 5.24
N TYR A 60 -6.28 -9.29 3.94
CA TYR A 60 -5.55 -8.21 3.31
C TYR A 60 -6.23 -6.88 3.63
N ARG A 61 -7.56 -6.89 3.58
CA ARG A 61 -8.36 -5.70 3.88
C ARG A 61 -8.15 -5.26 5.32
N ARG A 62 -8.00 -6.22 6.21
CA ARG A 62 -7.79 -5.94 7.63
C ARG A 62 -6.59 -5.04 7.86
N ARG A 63 -5.39 -5.63 7.74
CA ARG A 63 -4.14 -4.90 7.95
C ARG A 63 -3.94 -3.83 6.88
N PHE A 64 -4.83 -3.80 5.89
CA PHE A 64 -4.77 -2.80 4.82
C PHE A 64 -4.80 -1.40 5.45
N LYS A 65 -5.52 -1.29 6.57
CA LYS A 65 -5.65 -0.04 7.31
C LYS A 65 -4.29 0.51 7.74
N TYR A 66 -3.30 -0.35 7.88
CA TYR A 66 -1.96 0.10 8.30
C TYR A 66 -1.28 0.83 7.15
N PHE A 67 -1.85 0.72 5.96
CA PHE A 67 -1.34 1.38 4.78
C PHE A 67 -2.25 2.55 4.41
N LYS A 68 -3.46 2.55 4.99
CA LYS A 68 -4.46 3.59 4.72
C LYS A 68 -3.93 5.00 4.97
N ALA A 69 -3.04 5.15 5.94
CA ALA A 69 -2.46 6.46 6.23
C ALA A 69 -1.45 6.84 5.16
N THR A 70 -0.76 5.83 4.65
CA THR A 70 0.23 6.03 3.61
C THR A 70 -0.43 6.25 2.26
N ILE A 71 -1.43 5.42 1.94
CA ILE A 71 -2.17 5.54 0.69
C ILE A 71 -2.85 6.91 0.60
N ALA A 72 -3.14 7.50 1.76
CA ALA A 72 -3.78 8.80 1.82
C ALA A 72 -2.79 9.93 1.53
N ASP A 73 -1.54 9.73 1.95
CA ASP A 73 -0.50 10.72 1.74
C ASP A 73 0.04 10.65 0.33
N LEU A 74 0.31 9.45 -0.14
CA LEU A 74 0.86 9.26 -1.49
C LEU A 74 -0.11 9.68 -2.59
N SER A 75 -1.41 9.57 -2.34
CA SER A 75 -2.40 9.98 -3.33
C SER A 75 -2.44 11.49 -3.43
N LYS A 76 -2.13 12.15 -2.31
CA LYS A 76 -2.12 13.59 -2.24
C LYS A 76 -0.76 14.13 -2.71
N LYS A 77 0.20 13.22 -2.85
CA LYS A 77 1.55 13.57 -3.28
C LYS A 77 1.72 13.33 -4.77
N ARG A 78 0.79 12.57 -5.35
CA ARG A 78 0.81 12.25 -6.77
C ARG A 78 0.74 13.50 -7.62
N SER A 79 1.84 13.79 -8.31
CA SER A 79 1.95 14.95 -9.18
C SER A 79 1.79 16.24 -8.38
N SER A 80 2.15 16.18 -7.09
CA SER A 80 2.06 17.31 -6.17
C SER A 80 0.60 17.65 -5.79
N GLU A 81 -0.28 17.69 -6.79
CA GLU A 81 -1.69 17.99 -6.56
C GLU A 81 -2.56 16.97 -7.29
N GLU A 1 11.51 13.98 -13.69
CA GLU A 1 11.72 13.86 -12.25
C GLU A 1 10.42 13.49 -11.57
N LEU A 2 9.60 12.71 -12.27
CA LEU A 2 8.32 12.28 -11.74
C LEU A 2 8.49 10.94 -11.04
N ASN A 3 9.27 10.94 -9.98
CA ASN A 3 9.53 9.74 -9.21
C ASN A 3 8.46 9.57 -8.12
N ASN A 4 7.23 9.92 -8.46
CA ASN A 4 6.11 9.85 -7.53
C ASN A 4 5.65 8.42 -7.32
N LEU A 5 5.25 7.75 -8.39
CA LEU A 5 4.78 6.37 -8.30
C LEU A 5 5.89 5.44 -7.81
N ARG A 6 7.12 5.70 -8.22
CA ARG A 6 8.25 4.88 -7.79
C ARG A 6 8.44 5.04 -6.29
N MET A 7 8.24 6.25 -5.80
CA MET A 7 8.35 6.54 -4.37
C MET A 7 7.19 5.91 -3.62
N THR A 8 6.03 5.86 -4.27
CA THR A 8 4.83 5.27 -3.67
C THR A 8 5.05 3.78 -3.41
N TYR A 9 5.52 3.08 -4.43
CA TYR A 9 5.79 1.66 -4.32
C TYR A 9 6.93 1.39 -3.32
N GLU A 10 7.98 2.20 -3.39
CA GLU A 10 9.13 2.04 -2.50
C GLU A 10 8.77 2.38 -1.06
N ARG A 11 7.93 3.39 -0.86
CA ARG A 11 7.51 3.78 0.49
C ARG A 11 6.67 2.67 1.09
N LEU A 12 5.89 2.01 0.24
CA LEU A 12 5.05 0.90 0.65
C LEU A 12 5.91 -0.29 1.02
N ARG A 13 6.98 -0.48 0.26
CA ARG A 13 7.90 -1.58 0.49
C ARG A 13 8.61 -1.44 1.83
N GLU A 14 9.10 -0.24 2.11
CA GLU A 14 9.79 0.02 3.36
C GLU A 14 8.80 -0.05 4.51
N LEU A 15 7.57 0.39 4.26
CA LEU A 15 6.53 0.37 5.28
C LEU A 15 6.11 -1.06 5.58
N SER A 16 6.10 -1.92 4.55
CA SER A 16 5.72 -3.31 4.73
C SER A 16 6.72 -4.00 5.65
N LEU A 17 7.99 -3.62 5.52
CA LEU A 17 9.04 -4.20 6.36
C LEU A 17 9.03 -3.57 7.75
N ASN A 18 8.68 -2.30 7.81
CA ASN A 18 8.61 -1.55 9.07
C ASN A 18 7.43 -2.01 9.92
N LEU A 19 6.23 -1.91 9.36
CA LEU A 19 5.01 -2.33 10.06
C LEU A 19 5.06 -3.82 10.31
N GLY A 20 5.56 -4.55 9.32
CA GLY A 20 5.66 -5.98 9.42
C GLY A 20 6.50 -6.41 10.60
N ASN A 21 7.71 -5.87 10.70
CA ASN A 21 8.61 -6.20 11.81
C ASN A 21 8.11 -5.59 13.12
N ARG A 22 7.17 -4.65 13.03
CA ARG A 22 6.61 -3.98 14.20
C ARG A 22 5.41 -4.77 14.73
N MET A 23 5.05 -5.81 14.00
CA MET A 23 3.97 -6.68 14.39
C MET A 23 4.53 -7.89 15.11
N VAL A 24 3.68 -8.64 15.80
CA VAL A 24 4.11 -9.82 16.53
C VAL A 24 3.15 -10.99 16.26
N PRO A 25 3.63 -12.04 15.56
CA PRO A 25 5.02 -12.12 15.09
C PRO A 25 5.27 -11.21 13.89
N PRO A 26 6.53 -10.80 13.67
CA PRO A 26 6.89 -9.91 12.56
C PRO A 26 6.52 -10.51 11.21
N VAL A 27 5.82 -9.71 10.40
CA VAL A 27 5.39 -10.14 9.08
C VAL A 27 6.45 -9.85 8.04
N GLY A 28 6.92 -10.89 7.37
CA GLY A 28 7.92 -10.72 6.35
C GLY A 28 7.25 -10.35 5.04
N ASN A 29 6.01 -10.79 4.91
CA ASN A 29 5.21 -10.51 3.73
C ASN A 29 3.96 -9.73 4.12
N PHE A 30 4.18 -8.52 4.61
CA PHE A 30 3.09 -7.62 5.03
C PHE A 30 2.12 -7.39 3.88
N MET A 31 2.66 -7.03 2.72
CA MET A 31 1.86 -6.82 1.53
C MET A 31 2.62 -7.35 0.33
N PRO A 32 1.99 -8.22 -0.48
CA PRO A 32 2.64 -8.82 -1.65
C PRO A 32 3.15 -7.78 -2.63
N ASP A 33 4.32 -8.07 -3.22
CA ASP A 33 4.98 -7.18 -4.18
C ASP A 33 4.01 -6.75 -5.28
N SER A 34 3.17 -7.69 -5.71
CA SER A 34 2.20 -7.44 -6.76
C SER A 34 1.15 -6.43 -6.29
N ILE A 35 0.64 -6.64 -5.08
CA ILE A 35 -0.36 -5.75 -4.51
C ILE A 35 0.23 -4.37 -4.22
N LEU A 36 1.50 -4.34 -3.80
CA LEU A 36 2.16 -3.09 -3.51
C LEU A 36 2.24 -2.23 -4.78
N LYS A 37 2.39 -2.91 -5.92
CA LYS A 37 2.49 -2.23 -7.21
C LYS A 37 1.15 -1.69 -7.68
N LYS A 38 0.11 -2.52 -7.65
CA LYS A 38 -1.22 -2.07 -8.08
C LYS A 38 -1.76 -1.01 -7.15
N MET A 39 -1.51 -1.15 -5.87
CA MET A 39 -1.97 -0.20 -4.89
C MET A 39 -1.19 1.12 -4.99
N ALA A 40 0.06 1.04 -5.45
CA ALA A 40 0.88 2.24 -5.60
C ALA A 40 0.51 3.00 -6.87
N ALA A 41 0.03 2.28 -7.87
CA ALA A 41 -0.36 2.89 -9.13
C ALA A 41 -1.77 3.49 -9.10
N ILE A 42 -2.67 2.85 -8.39
CA ILE A 42 -4.06 3.32 -8.32
C ILE A 42 -4.30 4.12 -7.04
N LEU A 43 -3.63 3.71 -5.96
CA LEU A 43 -3.76 4.37 -4.67
C LEU A 43 -5.23 4.45 -4.22
N PRO A 44 -5.80 3.30 -3.85
CA PRO A 44 -7.20 3.20 -3.43
C PRO A 44 -7.40 3.67 -1.98
N MET A 45 -8.08 4.81 -1.83
CA MET A 45 -8.34 5.37 -0.51
C MET A 45 -9.50 4.66 0.18
N ASN A 46 -10.40 4.11 -0.62
CA ASN A 46 -11.56 3.40 -0.10
C ASN A 46 -11.66 2.01 -0.73
N ASP A 47 -12.49 1.15 -0.14
CA ASP A 47 -12.66 -0.21 -0.64
C ASP A 47 -13.26 -0.24 -2.04
N SER A 48 -13.98 0.82 -2.38
CA SER A 48 -14.59 0.93 -3.71
C SER A 48 -13.50 0.92 -4.78
N ALA A 49 -12.37 1.55 -4.48
CA ALA A 49 -11.23 1.59 -5.39
C ALA A 49 -10.43 0.31 -5.27
N PHE A 50 -10.48 -0.28 -4.07
CA PHE A 50 -9.78 -1.53 -3.80
C PHE A 50 -10.32 -2.64 -4.70
N ALA A 51 -11.57 -2.47 -5.14
CA ALA A 51 -12.21 -3.43 -6.02
C ALA A 51 -11.43 -3.60 -7.32
N THR A 52 -10.66 -2.59 -7.71
CA THR A 52 -9.88 -2.67 -8.92
C THR A 52 -8.45 -3.17 -8.67
N LEU A 53 -8.19 -3.61 -7.44
CA LEU A 53 -6.87 -4.13 -7.07
C LEU A 53 -6.79 -5.62 -7.35
N GLY A 54 -7.70 -6.10 -8.17
CA GLY A 54 -7.74 -7.50 -8.49
C GLY A 54 -8.69 -8.22 -7.56
N THR A 55 -8.15 -8.97 -6.60
CA THR A 55 -8.98 -9.70 -5.65
C THR A 55 -8.32 -9.79 -4.28
N VAL A 56 -8.38 -8.70 -3.52
CA VAL A 56 -7.80 -8.71 -2.18
C VAL A 56 -8.77 -9.37 -1.21
N GLU A 57 -8.27 -10.35 -0.47
CA GLU A 57 -9.09 -11.07 0.49
C GLU A 57 -9.33 -10.19 1.72
N ASP A 58 -10.34 -10.53 2.52
CA ASP A 58 -10.65 -9.76 3.72
C ASP A 58 -9.43 -9.73 4.64
N LYS A 59 -8.67 -10.81 4.65
CA LYS A 59 -7.46 -10.90 5.48
C LYS A 59 -6.44 -9.85 5.04
N TYR A 60 -6.48 -9.49 3.75
CA TYR A 60 -5.57 -8.48 3.21
C TYR A 60 -6.08 -7.11 3.60
N ARG A 61 -7.40 -7.01 3.66
CA ARG A 61 -8.07 -5.77 4.03
C ARG A 61 -7.81 -5.47 5.51
N ARG A 62 -7.66 -6.54 6.30
CA ARG A 62 -7.41 -6.42 7.74
C ARG A 62 -6.24 -5.50 8.02
N ARG A 63 -5.05 -5.88 7.57
CA ARG A 63 -3.87 -5.07 7.78
C ARG A 63 -3.79 -3.94 6.76
N PHE A 64 -4.75 -3.92 5.83
CA PHE A 64 -4.79 -2.87 4.81
C PHE A 64 -4.94 -1.50 5.46
N LYS A 65 -5.68 -1.47 6.55
CA LYS A 65 -5.92 -0.24 7.30
C LYS A 65 -4.61 0.34 7.84
N TYR A 66 -3.60 -0.50 8.03
CA TYR A 66 -2.31 -0.04 8.54
C TYR A 66 -1.49 0.62 7.44
N PHE A 67 -2.00 0.52 6.22
CA PHE A 67 -1.33 1.13 5.06
C PHE A 67 -2.07 2.39 4.64
N LYS A 68 -3.28 2.57 5.17
CA LYS A 68 -4.13 3.72 4.83
C LYS A 68 -3.41 5.05 5.03
N ALA A 69 -2.55 5.13 6.03
CA ALA A 69 -1.80 6.36 6.31
C ALA A 69 -0.84 6.68 5.17
N THR A 70 -0.33 5.65 4.54
CA THR A 70 0.60 5.79 3.43
C THR A 70 -0.15 5.98 2.12
N ILE A 71 -1.20 5.19 1.91
CA ILE A 71 -1.99 5.28 0.69
C ILE A 71 -2.56 6.68 0.52
N ALA A 72 -3.14 7.19 1.61
CA ALA A 72 -3.73 8.53 1.59
C ALA A 72 -2.66 9.59 1.37
N ASP A 73 -1.54 9.47 2.08
CA ASP A 73 -0.44 10.41 1.96
C ASP A 73 0.10 10.44 0.54
N LEU A 74 0.50 9.29 0.04
CA LEU A 74 1.03 9.19 -1.31
C LEU A 74 0.00 9.60 -2.36
N SER A 75 -1.28 9.41 -2.04
CA SER A 75 -2.35 9.79 -2.95
C SER A 75 -2.45 11.31 -3.01
N LYS A 76 -2.04 11.97 -1.94
CA LYS A 76 -2.09 13.43 -1.87
C LYS A 76 -0.81 14.01 -2.48
N LYS A 77 0.09 13.12 -2.85
CA LYS A 77 1.36 13.52 -3.45
C LYS A 77 1.37 13.20 -4.94
N ARG A 78 0.70 12.12 -5.32
CA ARG A 78 0.63 11.68 -6.71
C ARG A 78 -0.20 12.62 -7.59
N SER A 79 -0.76 13.66 -6.98
CA SER A 79 -1.56 14.62 -7.74
C SER A 79 -0.70 15.34 -8.77
N SER A 80 0.56 15.60 -8.42
CA SER A 80 1.47 16.26 -9.33
C SER A 80 2.90 15.75 -9.12
N GLU A 81 3.52 16.20 -8.05
CA GLU A 81 4.87 15.80 -7.71
C GLU A 81 5.11 16.03 -6.21
N GLU A 1 9.15 14.13 -13.22
CA GLU A 1 8.48 13.55 -12.05
C GLU A 1 7.41 12.56 -12.49
N LEU A 2 7.65 11.96 -13.64
CA LEU A 2 6.74 10.99 -14.23
C LEU A 2 6.76 9.68 -13.45
N ASN A 3 7.93 9.31 -12.95
CA ASN A 3 8.09 8.07 -12.18
C ASN A 3 7.81 8.30 -10.70
N ASN A 4 6.83 9.15 -10.40
CA ASN A 4 6.45 9.45 -9.03
C ASN A 4 5.91 8.21 -8.34
N LEU A 5 5.36 7.31 -9.14
CA LEU A 5 4.80 6.05 -8.65
C LEU A 5 5.86 5.19 -7.96
N ARG A 6 7.11 5.34 -8.37
CA ARG A 6 8.21 4.57 -7.79
C ARG A 6 8.38 4.90 -6.31
N MET A 7 8.15 6.17 -5.99
CA MET A 7 8.24 6.65 -4.62
C MET A 7 7.11 6.05 -3.78
N THR A 8 5.94 5.90 -4.40
CA THR A 8 4.78 5.31 -3.75
C THR A 8 5.11 3.88 -3.35
N TYR A 9 5.71 3.14 -4.27
CA TYR A 9 6.10 1.76 -4.01
C TYR A 9 7.15 1.72 -2.90
N GLU A 10 8.06 2.68 -2.90
CA GLU A 10 9.13 2.74 -1.91
C GLU A 10 8.56 2.93 -0.51
N ARG A 11 7.66 3.90 -0.36
CA ARG A 11 7.03 4.18 0.93
C ARG A 11 6.29 2.94 1.43
N LEU A 12 5.75 2.17 0.51
CA LEU A 12 5.03 0.95 0.84
C LEU A 12 6.00 -0.16 1.22
N ARG A 13 7.11 -0.25 0.50
CA ARG A 13 8.11 -1.28 0.75
C ARG A 13 8.82 -1.04 2.07
N GLU A 14 9.07 0.22 2.38
CA GLU A 14 9.72 0.58 3.62
C GLU A 14 8.78 0.38 4.80
N LEU A 15 7.50 0.66 4.57
CA LEU A 15 6.50 0.52 5.62
C LEU A 15 6.17 -0.96 5.83
N SER A 16 6.15 -1.72 4.73
CA SER A 16 5.86 -3.15 4.78
C SER A 16 6.93 -3.91 5.55
N LEU A 17 8.17 -3.46 5.42
CA LEU A 17 9.29 -4.07 6.11
C LEU A 17 9.27 -3.65 7.57
N ASN A 18 8.76 -2.45 7.81
CA ASN A 18 8.67 -1.92 9.15
C ASN A 18 7.60 -2.62 9.97
N LEU A 19 6.36 -2.44 9.57
CA LEU A 19 5.22 -3.04 10.26
C LEU A 19 5.29 -4.56 10.24
N GLY A 20 5.75 -5.11 9.13
CA GLY A 20 5.85 -6.54 8.99
C GLY A 20 6.81 -7.19 9.98
N ASN A 21 7.92 -6.52 10.27
CA ASN A 21 8.91 -7.07 11.19
C ASN A 21 8.71 -6.55 12.61
N ARG A 22 7.89 -5.50 12.75
CA ARG A 22 7.61 -4.94 14.07
C ARG A 22 6.41 -5.64 14.67
N MET A 23 5.77 -6.46 13.87
CA MET A 23 4.64 -7.25 14.31
C MET A 23 5.13 -8.61 14.78
N VAL A 24 4.68 -9.05 15.93
CA VAL A 24 5.10 -10.33 16.48
C VAL A 24 3.89 -11.23 16.71
N PRO A 25 3.85 -12.41 16.07
CA PRO A 25 4.91 -12.90 15.18
C PRO A 25 4.97 -12.12 13.86
N PRO A 26 6.17 -11.99 13.28
CA PRO A 26 6.38 -11.25 12.03
C PRO A 26 5.48 -11.73 10.91
N VAL A 27 4.95 -10.78 10.16
CA VAL A 27 4.06 -11.09 9.05
C VAL A 27 4.82 -11.73 7.88
N GLY A 28 6.10 -11.39 7.77
CA GLY A 28 6.93 -11.91 6.71
C GLY A 28 6.70 -11.13 5.43
N ASN A 29 5.45 -11.08 5.02
CA ASN A 29 5.04 -10.35 3.84
C ASN A 29 3.83 -9.49 4.15
N PHE A 30 4.08 -8.33 4.75
CA PHE A 30 3.04 -7.40 5.14
C PHE A 30 2.11 -7.10 3.96
N MET A 31 2.72 -6.89 2.81
CA MET A 31 2.00 -6.64 1.59
C MET A 31 2.83 -7.19 0.44
N PRO A 32 2.31 -8.18 -0.30
CA PRO A 32 3.01 -8.80 -1.43
C PRO A 32 3.38 -7.78 -2.48
N ASP A 33 4.55 -7.99 -3.10
CA ASP A 33 5.08 -7.09 -4.14
C ASP A 33 4.04 -6.77 -5.20
N SER A 34 3.28 -7.78 -5.60
CA SER A 34 2.25 -7.60 -6.62
C SER A 34 1.17 -6.63 -6.13
N ILE A 35 0.76 -6.77 -4.88
CA ILE A 35 -0.25 -5.89 -4.32
C ILE A 35 0.31 -4.50 -4.10
N LEU A 36 1.59 -4.45 -3.73
CA LEU A 36 2.27 -3.18 -3.52
C LEU A 36 2.28 -2.36 -4.81
N LYS A 37 2.43 -3.05 -5.93
CA LYS A 37 2.49 -2.40 -7.24
C LYS A 37 1.12 -1.86 -7.67
N LYS A 38 0.07 -2.67 -7.50
CA LYS A 38 -1.27 -2.24 -7.89
C LYS A 38 -1.81 -1.17 -6.95
N MET A 39 -1.53 -1.32 -5.67
CA MET A 39 -1.98 -0.36 -4.67
C MET A 39 -1.24 0.98 -4.84
N ALA A 40 0.00 0.92 -5.32
CA ALA A 40 0.79 2.13 -5.53
C ALA A 40 0.37 2.84 -6.81
N ALA A 41 -0.09 2.06 -7.78
CA ALA A 41 -0.52 2.62 -9.05
C ALA A 41 -1.95 3.13 -8.99
N ILE A 42 -2.82 2.39 -8.34
CA ILE A 42 -4.21 2.79 -8.25
C ILE A 42 -4.45 3.71 -7.07
N LEU A 43 -3.76 3.44 -5.96
CA LEU A 43 -3.88 4.22 -4.73
C LEU A 43 -5.35 4.39 -4.35
N PRO A 44 -5.98 3.29 -3.90
CA PRO A 44 -7.39 3.28 -3.53
C PRO A 44 -7.65 3.87 -2.14
N MET A 45 -8.53 4.87 -2.09
CA MET A 45 -8.87 5.54 -0.85
C MET A 45 -9.68 4.63 0.07
N ASN A 46 -10.66 3.95 -0.50
CA ASN A 46 -11.51 3.03 0.26
C ASN A 46 -11.81 1.79 -0.56
N ASP A 47 -12.69 0.94 -0.03
CA ASP A 47 -13.06 -0.31 -0.69
C ASP A 47 -13.60 -0.09 -2.10
N SER A 48 -14.24 1.06 -2.33
CA SER A 48 -14.80 1.40 -3.63
C SER A 48 -13.75 1.27 -4.74
N ALA A 49 -12.60 1.90 -4.53
CA ALA A 49 -11.52 1.84 -5.50
C ALA A 49 -10.74 0.54 -5.37
N PHE A 50 -10.69 0.00 -4.16
CA PHE A 50 -9.97 -1.23 -3.86
C PHE A 50 -10.39 -2.38 -4.78
N ALA A 51 -11.60 -2.30 -5.31
CA ALA A 51 -12.12 -3.32 -6.22
C ALA A 51 -11.24 -3.48 -7.46
N THR A 52 -10.51 -2.43 -7.82
CA THR A 52 -9.65 -2.48 -9.00
C THR A 52 -8.33 -3.20 -8.71
N LEU A 53 -8.15 -3.63 -7.46
CA LEU A 53 -6.94 -4.34 -7.08
C LEU A 53 -7.03 -5.81 -7.46
N GLY A 54 -8.21 -6.22 -7.89
CA GLY A 54 -8.41 -7.60 -8.27
C GLY A 54 -8.97 -8.43 -7.15
N THR A 55 -10.00 -7.88 -6.48
CA THR A 55 -10.67 -8.55 -5.36
C THR A 55 -9.70 -9.04 -4.30
N VAL A 56 -9.24 -8.12 -3.46
CA VAL A 56 -8.31 -8.46 -2.39
C VAL A 56 -9.01 -9.29 -1.31
N GLU A 57 -8.27 -10.18 -0.67
CA GLU A 57 -8.81 -11.03 0.38
C GLU A 57 -9.07 -10.21 1.64
N ASP A 58 -10.03 -10.66 2.44
CA ASP A 58 -10.39 -9.98 3.69
C ASP A 58 -9.19 -9.91 4.62
N LYS A 59 -8.35 -10.95 4.59
CA LYS A 59 -7.15 -10.98 5.41
C LYS A 59 -6.20 -9.83 5.06
N TYR A 60 -6.24 -9.40 3.80
CA TYR A 60 -5.42 -8.29 3.34
C TYR A 60 -6.16 -6.99 3.57
N ARG A 61 -7.47 -7.09 3.43
CA ARG A 61 -8.36 -5.96 3.61
C ARG A 61 -8.32 -5.44 5.04
N ARG A 62 -8.20 -6.34 5.99
CA ARG A 62 -8.18 -6.00 7.37
C ARG A 62 -6.85 -5.37 7.78
N ARG A 63 -5.74 -5.88 7.27
CA ARG A 63 -4.42 -5.33 7.62
C ARG A 63 -4.11 -4.13 6.73
N PHE A 64 -5.03 -3.85 5.82
CA PHE A 64 -4.92 -2.73 4.89
C PHE A 64 -4.85 -1.40 5.63
N LYS A 65 -5.59 -1.33 6.74
CA LYS A 65 -5.66 -0.13 7.58
C LYS A 65 -4.29 0.37 8.03
N TYR A 66 -3.29 -0.52 8.07
CA TYR A 66 -1.94 -0.13 8.49
C TYR A 66 -1.25 0.68 7.40
N PHE A 67 -1.86 0.74 6.22
CA PHE A 67 -1.32 1.48 5.10
C PHE A 67 -2.19 2.69 4.77
N LYS A 68 -3.38 2.72 5.38
CA LYS A 68 -4.36 3.79 5.15
C LYS A 68 -3.78 5.20 5.21
N ALA A 69 -2.82 5.44 6.10
CA ALA A 69 -2.22 6.77 6.21
C ALA A 69 -1.21 7.00 5.09
N THR A 70 -0.53 5.93 4.71
CA THR A 70 0.46 5.99 3.66
C THR A 70 -0.19 6.14 2.28
N ILE A 71 -1.23 5.34 2.03
CA ILE A 71 -1.95 5.38 0.76
C ILE A 71 -2.54 6.76 0.53
N ALA A 72 -2.96 7.41 1.62
CA ALA A 72 -3.53 8.75 1.55
C ALA A 72 -2.46 9.82 1.34
N ASP A 73 -1.30 9.62 1.96
CA ASP A 73 -0.18 10.57 1.83
C ASP A 73 0.41 10.50 0.43
N LEU A 74 0.54 9.31 -0.12
CA LEU A 74 1.11 9.14 -1.44
C LEU A 74 0.16 9.52 -2.56
N SER A 75 -1.14 9.37 -2.35
CA SER A 75 -2.11 9.72 -3.39
C SER A 75 -2.22 11.24 -3.57
N LYS A 76 -1.94 11.98 -2.50
CA LYS A 76 -2.03 13.43 -2.53
C LYS A 76 -0.74 14.08 -3.01
N LYS A 77 0.38 13.38 -2.89
CA LYS A 77 1.67 13.96 -3.28
C LYS A 77 2.22 13.35 -4.57
N ARG A 78 1.75 12.17 -4.96
CA ARG A 78 2.23 11.54 -6.19
C ARG A 78 1.73 12.31 -7.41
N SER A 79 0.74 13.16 -7.16
CA SER A 79 0.16 14.00 -8.19
C SER A 79 1.06 15.20 -8.47
N SER A 80 2.23 15.21 -7.83
CA SER A 80 3.22 16.28 -7.99
C SER A 80 2.66 17.61 -7.51
N GLU A 81 1.78 17.57 -6.52
CA GLU A 81 1.19 18.77 -5.97
C GLU A 81 1.63 18.94 -4.52
N GLU A 1 10.56 15.49 -12.51
CA GLU A 1 9.40 14.62 -12.58
C GLU A 1 9.84 13.17 -12.63
N LEU A 2 10.50 12.76 -11.55
CA LEU A 2 11.01 11.41 -11.42
C LEU A 2 9.87 10.44 -11.17
N ASN A 3 10.16 9.15 -11.32
CA ASN A 3 9.15 8.09 -11.15
C ASN A 3 8.51 8.14 -9.76
N ASN A 4 7.40 8.86 -9.67
CA ASN A 4 6.66 8.99 -8.42
C ASN A 4 5.99 7.68 -8.06
N LEU A 5 5.56 6.95 -9.08
CA LEU A 5 4.92 5.66 -8.87
C LEU A 5 5.88 4.71 -8.18
N ARG A 6 7.17 4.84 -8.51
CA ARG A 6 8.20 4.02 -7.89
C ARG A 6 8.37 4.44 -6.44
N MET A 7 8.26 5.74 -6.22
CA MET A 7 8.36 6.31 -4.88
C MET A 7 7.23 5.77 -4.00
N THR A 8 6.02 5.75 -4.56
CA THR A 8 4.85 5.23 -3.85
C THR A 8 4.97 3.74 -3.57
N TYR A 9 5.41 3.00 -4.59
CA TYR A 9 5.57 1.57 -4.50
C TYR A 9 6.68 1.19 -3.51
N GLU A 10 7.77 1.95 -3.54
CA GLU A 10 8.88 1.68 -2.64
C GLU A 10 8.59 2.16 -1.22
N ARG A 11 7.79 3.22 -1.08
CA ARG A 11 7.43 3.72 0.23
C ARG A 11 6.54 2.71 0.93
N LEU A 12 5.73 2.01 0.13
CA LEU A 12 4.84 0.98 0.65
C LEU A 12 5.64 -0.25 1.04
N ARG A 13 6.69 -0.51 0.28
CA ARG A 13 7.57 -1.65 0.51
C ARG A 13 8.36 -1.45 1.80
N GLU A 14 8.85 -0.24 2.01
CA GLU A 14 9.61 0.07 3.21
C GLU A 14 8.71 0.02 4.43
N LEU A 15 7.48 0.51 4.25
CA LEU A 15 6.50 0.50 5.31
C LEU A 15 6.10 -0.94 5.62
N SER A 16 6.06 -1.76 4.58
CA SER A 16 5.69 -3.16 4.71
C SER A 16 6.75 -3.93 5.48
N LEU A 17 8.00 -3.57 5.30
CA LEU A 17 9.10 -4.24 5.97
C LEU A 17 9.10 -3.91 7.46
N ASN A 18 8.66 -2.72 7.81
CA ASN A 18 8.62 -2.29 9.21
C ASN A 18 7.34 -2.74 9.89
N LEU A 19 6.20 -2.36 9.32
CA LEU A 19 4.89 -2.70 9.87
C LEU A 19 4.69 -4.20 10.04
N GLY A 20 5.19 -4.98 9.08
CA GLY A 20 5.04 -6.42 9.13
C GLY A 20 5.64 -7.02 10.38
N ASN A 21 6.73 -6.42 10.85
CA ASN A 21 7.40 -6.88 12.07
C ASN A 21 6.81 -6.18 13.30
N ARG A 22 6.06 -5.12 13.05
CA ARG A 22 5.44 -4.35 14.12
C ARG A 22 4.03 -4.87 14.42
N MET A 23 3.59 -5.83 13.64
CA MET A 23 2.27 -6.42 13.81
C MET A 23 2.19 -7.20 15.12
N VAL A 24 3.11 -8.14 15.30
CA VAL A 24 3.18 -8.98 16.49
C VAL A 24 1.89 -9.79 16.68
N PRO A 25 1.92 -11.09 16.30
CA PRO A 25 3.11 -11.75 15.73
C PRO A 25 3.46 -11.20 14.35
N PRO A 26 4.76 -11.13 14.03
CA PRO A 26 5.24 -10.63 12.74
C PRO A 26 4.60 -11.35 11.57
N VAL A 27 4.12 -10.58 10.61
CA VAL A 27 3.46 -11.12 9.43
C VAL A 27 4.47 -11.76 8.48
N GLY A 28 5.70 -11.28 8.52
CA GLY A 28 6.72 -11.79 7.64
C GLY A 28 6.67 -11.07 6.31
N ASN A 29 5.48 -11.06 5.73
CA ASN A 29 5.23 -10.39 4.46
C ASN A 29 3.96 -9.58 4.59
N PHE A 30 4.13 -8.33 5.07
CA PHE A 30 3.01 -7.40 5.26
C PHE A 30 2.17 -7.33 3.99
N MET A 31 2.64 -6.60 3.01
CA MET A 31 1.95 -6.49 1.74
C MET A 31 2.83 -7.07 0.65
N PRO A 32 2.30 -8.00 -0.15
CA PRO A 32 3.07 -8.63 -1.23
C PRO A 32 3.47 -7.63 -2.30
N ASP A 33 4.61 -7.90 -2.93
CA ASP A 33 5.14 -7.03 -3.97
C ASP A 33 4.10 -6.73 -5.05
N SER A 34 3.27 -7.72 -5.34
CA SER A 34 2.22 -7.60 -6.34
C SER A 34 1.19 -6.52 -5.95
N ILE A 35 0.65 -6.64 -4.74
CA ILE A 35 -0.34 -5.69 -4.26
C ILE A 35 0.27 -4.29 -4.12
N LEU A 36 1.53 -4.24 -3.71
CA LEU A 36 2.23 -2.96 -3.54
C LEU A 36 2.31 -2.20 -4.85
N LYS A 37 2.48 -2.93 -5.95
CA LYS A 37 2.58 -2.32 -7.27
C LYS A 37 1.26 -1.74 -7.75
N LYS A 38 0.20 -2.54 -7.70
CA LYS A 38 -1.12 -2.09 -8.16
C LYS A 38 -1.69 -1.00 -7.26
N MET A 39 -1.48 -1.14 -5.95
CA MET A 39 -1.98 -0.16 -5.00
C MET A 39 -1.21 1.15 -5.14
N ALA A 40 0.05 1.07 -5.54
CA ALA A 40 0.87 2.26 -5.71
C ALA A 40 0.46 3.06 -6.94
N ALA A 41 -0.02 2.35 -7.96
CA ALA A 41 -0.43 2.99 -9.20
C ALA A 41 -1.84 3.58 -9.11
N ILE A 42 -2.77 2.80 -8.57
CA ILE A 42 -4.15 3.26 -8.46
C ILE A 42 -4.35 4.14 -7.25
N LEU A 43 -3.69 3.80 -6.15
CA LEU A 43 -3.81 4.55 -4.91
C LEU A 43 -5.27 4.66 -4.48
N PRO A 44 -5.89 3.54 -4.07
CA PRO A 44 -7.28 3.53 -3.64
C PRO A 44 -7.51 4.41 -2.41
N MET A 45 -8.21 5.52 -2.63
CA MET A 45 -8.48 6.47 -1.56
C MET A 45 -9.55 5.94 -0.63
N ASN A 46 -10.27 4.91 -1.07
CA ASN A 46 -11.31 4.30 -0.26
C ASN A 46 -11.35 2.79 -0.48
N ASP A 47 -12.01 2.07 0.44
CA ASP A 47 -12.10 0.61 0.35
C ASP A 47 -12.96 0.18 -0.85
N SER A 48 -13.71 1.13 -1.41
CA SER A 48 -14.56 0.86 -2.56
C SER A 48 -13.72 0.67 -3.82
N ALA A 49 -12.74 1.56 -4.00
CA ALA A 49 -11.83 1.52 -5.15
C ALA A 49 -10.98 0.26 -5.11
N PHE A 50 -10.77 -0.24 -3.91
CA PHE A 50 -9.97 -1.44 -3.68
C PHE A 50 -10.44 -2.63 -4.52
N ALA A 51 -11.71 -2.65 -4.89
CA ALA A 51 -12.27 -3.75 -5.68
C ALA A 51 -11.57 -3.90 -7.04
N THR A 52 -10.99 -2.80 -7.55
CA THR A 52 -10.32 -2.86 -8.85
C THR A 52 -8.87 -3.31 -8.70
N LEU A 53 -8.42 -3.54 -7.47
CA LEU A 53 -7.05 -4.00 -7.24
C LEU A 53 -6.93 -5.45 -7.68
N GLY A 54 -8.05 -6.15 -7.67
CA GLY A 54 -8.07 -7.53 -8.06
C GLY A 54 -8.70 -8.39 -7.00
N THR A 55 -7.91 -9.25 -6.39
CA THR A 55 -8.41 -10.12 -5.34
C THR A 55 -7.49 -10.07 -4.12
N VAL A 56 -7.53 -8.96 -3.39
CA VAL A 56 -6.70 -8.80 -2.20
C VAL A 56 -7.24 -9.69 -1.08
N GLU A 57 -6.35 -10.49 -0.49
CA GLU A 57 -6.72 -11.41 0.58
C GLU A 57 -7.54 -10.71 1.67
N ASP A 58 -8.40 -11.47 2.34
CA ASP A 58 -9.22 -10.91 3.41
C ASP A 58 -8.32 -10.31 4.49
N LYS A 59 -7.23 -11.02 4.75
CA LYS A 59 -6.26 -10.57 5.74
C LYS A 59 -5.48 -9.38 5.22
N TYR A 60 -5.35 -9.25 3.90
CA TYR A 60 -4.64 -8.13 3.31
C TYR A 60 -5.51 -6.88 3.43
N ARG A 61 -6.80 -7.05 3.23
CA ARG A 61 -7.75 -5.95 3.37
C ARG A 61 -7.85 -5.56 4.84
N ARG A 62 -7.73 -6.57 5.71
CA ARG A 62 -7.81 -6.37 7.14
C ARG A 62 -6.64 -5.50 7.64
N ARG A 63 -5.42 -5.83 7.25
CA ARG A 63 -4.26 -5.05 7.68
C ARG A 63 -4.07 -3.81 6.79
N PHE A 64 -4.89 -3.71 5.75
CA PHE A 64 -4.84 -2.58 4.82
C PHE A 64 -4.94 -1.26 5.59
N LYS A 65 -5.66 -1.30 6.70
CA LYS A 65 -5.84 -0.13 7.56
C LYS A 65 -4.50 0.45 8.03
N TYR A 66 -3.45 -0.36 8.05
CA TYR A 66 -2.12 0.09 8.47
C TYR A 66 -1.42 0.79 7.31
N PHE A 67 -2.02 0.68 6.14
CA PHE A 67 -1.49 1.30 4.94
C PHE A 67 -2.35 2.49 4.56
N LYS A 68 -3.56 2.54 5.12
CA LYS A 68 -4.50 3.61 4.84
C LYS A 68 -3.90 4.99 5.16
N ALA A 69 -3.01 5.03 6.14
CA ALA A 69 -2.36 6.27 6.53
C ALA A 69 -1.35 6.70 5.47
N THR A 70 -0.76 5.71 4.80
CA THR A 70 0.22 5.95 3.77
C THR A 70 -0.44 6.24 2.41
N ILE A 71 -1.45 5.44 2.08
CA ILE A 71 -2.17 5.61 0.82
C ILE A 71 -2.79 7.01 0.74
N ALA A 72 -3.23 7.54 1.88
CA ALA A 72 -3.83 8.87 1.93
C ALA A 72 -2.75 9.96 1.89
N ASP A 73 -1.55 9.64 2.36
CA ASP A 73 -0.46 10.60 2.37
C ASP A 73 0.25 10.67 1.02
N LEU A 74 0.46 9.50 0.40
CA LEU A 74 1.15 9.43 -0.88
C LEU A 74 0.34 10.11 -1.99
N SER A 75 -0.97 10.15 -1.85
CA SER A 75 -1.82 10.79 -2.85
C SER A 75 -1.67 12.31 -2.77
N LYS A 76 -1.40 12.80 -1.56
CA LYS A 76 -1.20 14.23 -1.34
C LYS A 76 0.20 14.64 -1.73
N LYS A 77 1.13 13.72 -1.56
CA LYS A 77 2.53 13.95 -1.91
C LYS A 77 2.75 13.75 -3.40
N ARG A 78 1.76 13.16 -4.06
CA ARG A 78 1.83 12.91 -5.50
C ARG A 78 1.78 14.22 -6.30
N SER A 79 1.24 15.25 -5.68
CA SER A 79 1.12 16.56 -6.32
C SER A 79 2.45 17.31 -6.33
N SER A 80 3.51 16.65 -6.83
CA SER A 80 4.85 17.23 -6.94
C SER A 80 5.34 17.80 -5.60
N GLU A 81 5.06 17.09 -4.51
CA GLU A 81 5.48 17.53 -3.19
C GLU A 81 6.96 17.20 -2.98
N GLU A 1 3.21 10.21 -14.70
CA GLU A 1 3.40 10.29 -13.26
C GLU A 1 3.81 8.93 -12.70
N LEU A 2 4.98 8.47 -13.12
CA LEU A 2 5.48 7.16 -12.69
C LEU A 2 6.78 7.32 -11.91
N ASN A 3 7.27 8.53 -11.79
CA ASN A 3 8.50 8.78 -11.05
C ASN A 3 8.19 8.73 -9.56
N ASN A 4 7.16 9.45 -9.15
CA ASN A 4 6.74 9.45 -7.76
C ASN A 4 6.06 8.14 -7.43
N LEU A 5 5.57 7.46 -8.48
CA LEU A 5 4.91 6.17 -8.32
C LEU A 5 5.91 5.16 -7.77
N ARG A 6 7.18 5.33 -8.16
CA ARG A 6 8.23 4.46 -7.67
C ARG A 6 8.41 4.68 -6.18
N MET A 7 8.27 5.95 -5.77
CA MET A 7 8.38 6.31 -4.37
C MET A 7 7.20 5.74 -3.59
N THR A 8 6.03 5.75 -4.22
CA THR A 8 4.82 5.20 -3.62
C THR A 8 5.05 3.73 -3.26
N TYR A 9 5.49 2.98 -4.26
CA TYR A 9 5.78 1.57 -4.10
C TYR A 9 6.93 1.36 -3.09
N GLU A 10 7.93 2.23 -3.18
CA GLU A 10 9.09 2.17 -2.29
C GLU A 10 8.68 2.39 -0.83
N ARG A 11 7.86 3.41 -0.60
CA ARG A 11 7.39 3.72 0.75
C ARG A 11 6.53 2.59 1.29
N LEU A 12 5.80 1.93 0.40
CA LEU A 12 4.94 0.81 0.80
C LEU A 12 5.79 -0.35 1.26
N ARG A 13 6.94 -0.55 0.64
CA ARG A 13 7.84 -1.61 1.00
C ARG A 13 8.59 -1.28 2.28
N GLU A 14 8.97 -0.01 2.40
CA GLU A 14 9.67 0.46 3.59
C GLU A 14 8.74 0.34 4.79
N LEU A 15 7.46 0.57 4.55
CA LEU A 15 6.44 0.48 5.57
C LEU A 15 6.14 -0.99 5.86
N SER A 16 6.18 -1.81 4.82
CA SER A 16 5.91 -3.24 4.93
C SER A 16 6.96 -3.92 5.80
N LEU A 17 8.20 -3.49 5.70
CA LEU A 17 9.25 -4.08 6.50
C LEU A 17 9.24 -3.53 7.91
N ASN A 18 8.87 -2.26 8.05
CA ASN A 18 8.82 -1.62 9.35
C ASN A 18 7.64 -2.16 10.17
N LEU A 19 6.45 -2.14 9.56
CA LEU A 19 5.24 -2.64 10.20
C LEU A 19 5.35 -4.13 10.42
N GLY A 20 5.91 -4.82 9.43
CA GLY A 20 6.08 -6.25 9.52
C GLY A 20 6.96 -6.65 10.70
N ASN A 21 8.07 -5.93 10.89
CA ASN A 21 8.99 -6.23 11.98
C ASN A 21 8.40 -5.81 13.33
N ARG A 22 7.35 -4.99 13.27
CA ARG A 22 6.67 -4.53 14.47
C ARG A 22 5.58 -5.53 14.84
N MET A 23 5.40 -6.52 13.99
CA MET A 23 4.42 -7.55 14.21
C MET A 23 5.11 -8.84 14.65
N VAL A 24 4.37 -9.74 15.27
CA VAL A 24 4.94 -11.00 15.74
C VAL A 24 4.13 -12.18 15.19
N PRO A 25 4.75 -13.05 14.39
CA PRO A 25 6.16 -12.94 14.03
C PRO A 25 6.41 -11.90 12.94
N PRO A 26 7.62 -11.30 12.92
CA PRO A 26 7.96 -10.27 11.93
C PRO A 26 7.67 -10.72 10.51
N VAL A 27 6.93 -9.90 9.80
CA VAL A 27 6.52 -10.18 8.43
C VAL A 27 7.32 -9.37 7.42
N GLY A 28 8.29 -10.00 6.78
CA GLY A 28 9.09 -9.31 5.78
C GLY A 28 8.23 -8.99 4.56
N ASN A 29 7.28 -9.88 4.29
CA ASN A 29 6.34 -9.72 3.20
C ASN A 29 5.00 -9.33 3.80
N PHE A 30 4.97 -8.14 4.38
CA PHE A 30 3.78 -7.60 5.02
C PHE A 30 2.66 -7.46 4.00
N MET A 31 3.01 -6.98 2.82
CA MET A 31 2.06 -6.84 1.73
C MET A 31 2.72 -7.42 0.47
N PRO A 32 2.01 -8.28 -0.26
CA PRO A 32 2.54 -8.91 -1.49
C PRO A 32 3.08 -7.90 -2.50
N ASP A 33 4.19 -8.26 -3.11
CA ASP A 33 4.85 -7.44 -4.12
C ASP A 33 3.88 -6.99 -5.21
N SER A 34 3.06 -7.92 -5.66
CA SER A 34 2.09 -7.64 -6.70
C SER A 34 1.03 -6.64 -6.24
N ILE A 35 0.48 -6.87 -5.05
CA ILE A 35 -0.55 -5.99 -4.49
C ILE A 35 0.00 -4.60 -4.25
N LEU A 36 1.26 -4.51 -3.83
CA LEU A 36 1.88 -3.23 -3.57
C LEU A 36 2.00 -2.41 -4.84
N LYS A 37 2.30 -3.09 -5.94
CA LYS A 37 2.48 -2.43 -7.22
C LYS A 37 1.18 -1.83 -7.77
N LYS A 38 0.10 -2.60 -7.75
CA LYS A 38 -1.18 -2.09 -8.27
C LYS A 38 -1.76 -1.00 -7.37
N MET A 39 -1.62 -1.19 -6.07
CA MET A 39 -2.13 -0.23 -5.09
C MET A 39 -1.37 1.09 -5.19
N ALA A 40 -0.08 1.01 -5.54
CA ALA A 40 0.76 2.20 -5.70
C ALA A 40 0.47 2.91 -7.02
N ALA A 41 0.02 2.14 -8.01
CA ALA A 41 -0.28 2.70 -9.31
C ALA A 41 -1.62 3.43 -9.34
N ILE A 42 -2.60 2.90 -8.63
CA ILE A 42 -3.92 3.50 -8.60
C ILE A 42 -4.13 4.39 -7.38
N LEU A 43 -3.52 4.00 -6.27
CA LEU A 43 -3.62 4.72 -5.01
C LEU A 43 -5.08 4.84 -4.55
N PRO A 44 -5.64 3.74 -4.02
CA PRO A 44 -7.03 3.70 -3.56
C PRO A 44 -7.21 4.38 -2.21
N MET A 45 -7.81 5.57 -2.23
CA MET A 45 -8.05 6.32 -1.00
C MET A 45 -9.34 5.84 -0.33
N ASN A 46 -10.11 5.07 -1.07
CA ASN A 46 -11.36 4.53 -0.57
C ASN A 46 -11.40 3.02 -0.72
N ASP A 47 -12.19 2.37 0.12
CA ASP A 47 -12.33 0.92 0.10
C ASP A 47 -13.04 0.43 -1.16
N SER A 48 -13.88 1.29 -1.74
CA SER A 48 -14.59 0.94 -2.97
C SER A 48 -13.62 0.82 -4.14
N ALA A 49 -12.54 1.59 -4.07
CA ALA A 49 -11.51 1.57 -5.10
C ALA A 49 -10.67 0.29 -4.98
N PHE A 50 -10.62 -0.25 -3.78
CA PHE A 50 -9.86 -1.45 -3.49
C PHE A 50 -10.35 -2.65 -4.31
N ALA A 51 -11.62 -2.64 -4.70
CA ALA A 51 -12.19 -3.73 -5.49
C ALA A 51 -11.59 -3.80 -6.89
N THR A 52 -11.12 -2.66 -7.40
CA THR A 52 -10.53 -2.61 -8.73
C THR A 52 -9.07 -3.04 -8.74
N LEU A 53 -8.49 -3.25 -7.55
CA LEU A 53 -7.11 -3.71 -7.45
C LEU A 53 -7.03 -5.11 -8.02
N GLY A 54 -8.09 -5.87 -7.78
CA GLY A 54 -8.16 -7.24 -8.24
C GLY A 54 -8.80 -8.13 -7.20
N THR A 55 -9.89 -7.62 -6.60
CA THR A 55 -10.64 -8.31 -5.56
C THR A 55 -9.74 -8.86 -4.46
N VAL A 56 -9.29 -7.97 -3.58
CA VAL A 56 -8.41 -8.35 -2.48
C VAL A 56 -9.18 -9.15 -1.43
N GLU A 57 -8.54 -10.19 -0.90
CA GLU A 57 -9.18 -11.01 0.11
C GLU A 57 -9.39 -10.21 1.40
N ASP A 58 -10.33 -10.62 2.23
CA ASP A 58 -10.60 -9.92 3.48
C ASP A 58 -9.38 -9.88 4.37
N LYS A 59 -8.59 -10.97 4.36
CA LYS A 59 -7.39 -11.03 5.18
C LYS A 59 -6.36 -9.99 4.72
N TYR A 60 -6.42 -9.60 3.45
CA TYR A 60 -5.51 -8.60 2.92
C TYR A 60 -5.95 -7.22 3.39
N ARG A 61 -7.27 -7.07 3.53
CA ARG A 61 -7.86 -5.83 4.01
C ARG A 61 -7.49 -5.60 5.47
N ARG A 62 -7.31 -6.71 6.19
CA ARG A 62 -6.95 -6.68 7.60
C ARG A 62 -5.76 -5.78 7.87
N ARG A 63 -4.65 -6.06 7.18
CA ARG A 63 -3.45 -5.26 7.36
C ARG A 63 -3.46 -4.08 6.41
N PHE A 64 -4.49 -4.03 5.58
CA PHE A 64 -4.64 -2.93 4.62
C PHE A 64 -4.81 -1.62 5.38
N LYS A 65 -5.50 -1.70 6.51
CA LYS A 65 -5.77 -0.56 7.37
C LYS A 65 -4.47 0.06 7.89
N TYR A 66 -3.41 -0.72 7.97
CA TYR A 66 -2.12 -0.22 8.44
C TYR A 66 -1.42 0.59 7.35
N PHE A 67 -1.97 0.53 6.14
CA PHE A 67 -1.41 1.26 5.01
C PHE A 67 -2.30 2.45 4.63
N LYS A 68 -3.54 2.42 5.11
CA LYS A 68 -4.54 3.44 4.80
C LYS A 68 -4.02 4.88 5.00
N ALA A 69 -3.17 5.10 5.99
CA ALA A 69 -2.66 6.45 6.24
C ALA A 69 -1.67 6.86 5.17
N THR A 70 -0.88 5.90 4.71
CA THR A 70 0.12 6.15 3.69
C THR A 70 -0.51 6.24 2.30
N ILE A 71 -1.44 5.36 1.99
CA ILE A 71 -2.10 5.35 0.68
C ILE A 71 -2.82 6.68 0.46
N ALA A 72 -3.35 7.26 1.54
CA ALA A 72 -4.07 8.53 1.47
C ALA A 72 -3.09 9.70 1.31
N ASP A 73 -1.86 9.51 1.81
CA ASP A 73 -0.84 10.54 1.74
C ASP A 73 -0.14 10.54 0.38
N LEU A 74 0.25 9.35 -0.08
CA LEU A 74 0.94 9.20 -1.35
C LEU A 74 0.09 9.67 -2.53
N SER A 75 -1.24 9.58 -2.39
CA SER A 75 -2.13 10.00 -3.47
C SER A 75 -2.11 11.51 -3.65
N LYS A 76 -1.82 12.24 -2.58
CA LYS A 76 -1.79 13.70 -2.64
C LYS A 76 -0.38 14.20 -2.97
N LYS A 77 0.55 13.27 -3.08
CA LYS A 77 1.93 13.62 -3.40
C LYS A 77 2.29 13.14 -4.80
N ARG A 78 1.67 12.05 -5.23
CA ARG A 78 1.92 11.49 -6.55
C ARG A 78 1.11 12.19 -7.62
N SER A 79 0.28 13.15 -7.21
CA SER A 79 -0.55 13.89 -8.14
C SER A 79 0.30 14.89 -8.90
N SER A 80 1.29 15.43 -8.21
CA SER A 80 2.20 16.40 -8.78
C SER A 80 3.51 15.75 -9.21
N GLU A 81 3.67 15.56 -10.50
CA GLU A 81 4.86 14.94 -11.06
C GLU A 81 5.65 15.99 -11.84
N GLU A 1 9.97 14.21 -10.05
CA GLU A 1 8.56 13.96 -10.30
C GLU A 1 8.33 12.75 -11.21
N LEU A 2 9.36 12.37 -11.96
CA LEU A 2 9.29 11.23 -12.87
C LEU A 2 9.15 9.92 -12.10
N ASN A 3 9.89 9.79 -11.02
CA ASN A 3 9.86 8.59 -10.22
C ASN A 3 8.89 8.72 -9.05
N ASN A 4 7.79 9.45 -9.26
CA ASN A 4 6.80 9.66 -8.21
C ASN A 4 6.08 8.37 -7.85
N LEU A 5 5.65 7.61 -8.85
CA LEU A 5 4.95 6.37 -8.59
C LEU A 5 5.90 5.33 -8.01
N ARG A 6 7.15 5.37 -8.44
CA ARG A 6 8.15 4.43 -7.93
C ARG A 6 8.40 4.74 -6.45
N MET A 7 8.35 6.03 -6.11
CA MET A 7 8.53 6.48 -4.74
C MET A 7 7.37 5.95 -3.90
N THR A 8 6.16 6.03 -4.44
CA THR A 8 4.97 5.54 -3.78
C THR A 8 5.09 4.04 -3.51
N TYR A 9 5.57 3.31 -4.52
CA TYR A 9 5.73 1.87 -4.39
C TYR A 9 6.80 1.54 -3.36
N GLU A 10 7.92 2.25 -3.39
CA GLU A 10 9.00 2.01 -2.45
C GLU A 10 8.60 2.40 -1.03
N ARG A 11 7.82 3.46 -0.90
CA ARG A 11 7.37 3.91 0.41
C ARG A 11 6.48 2.85 1.05
N LEU A 12 5.75 2.12 0.22
CA LEU A 12 4.89 1.03 0.69
C LEU A 12 5.74 -0.17 1.04
N ARG A 13 6.84 -0.33 0.32
CA ARG A 13 7.77 -1.43 0.56
C ARG A 13 8.51 -1.21 1.88
N GLU A 14 8.90 0.04 2.13
CA GLU A 14 9.60 0.38 3.36
C GLU A 14 8.67 0.25 4.55
N LEU A 15 7.41 0.59 4.33
CA LEU A 15 6.41 0.50 5.38
C LEU A 15 6.01 -0.95 5.61
N SER A 16 6.02 -1.73 4.54
CA SER A 16 5.68 -3.14 4.60
C SER A 16 6.68 -3.91 5.47
N LEU A 17 7.94 -3.52 5.40
CA LEU A 17 8.96 -4.17 6.22
C LEU A 17 8.87 -3.67 7.65
N ASN A 18 8.48 -2.41 7.78
CA ASN A 18 8.34 -1.78 9.08
C ASN A 18 7.19 -2.39 9.89
N LEU A 19 6.00 -2.36 9.31
CA LEU A 19 4.83 -2.92 9.97
C LEU A 19 4.93 -4.43 10.08
N GLY A 20 5.57 -5.05 9.10
CA GLY A 20 5.73 -6.49 9.10
C GLY A 20 6.51 -6.97 10.29
N ASN A 21 7.51 -6.19 10.70
CA ASN A 21 8.35 -6.54 11.84
C ASN A 21 7.74 -6.01 13.15
N ARG A 22 6.78 -5.11 13.04
CA ARG A 22 6.11 -4.55 14.20
C ARG A 22 4.86 -5.35 14.53
N MET A 23 4.58 -6.33 13.68
CA MET A 23 3.45 -7.20 13.87
C MET A 23 3.88 -8.45 14.60
N VAL A 24 2.96 -9.06 15.31
CA VAL A 24 3.26 -10.27 16.06
C VAL A 24 2.36 -11.41 15.59
N PRO A 25 2.95 -12.45 14.99
CA PRO A 25 4.38 -12.55 14.76
C PRO A 25 4.81 -11.83 13.48
N PRO A 26 6.11 -11.53 13.33
CA PRO A 26 6.64 -10.83 12.14
C PRO A 26 6.18 -11.46 10.84
N VAL A 27 5.50 -10.66 10.04
CA VAL A 27 4.97 -11.10 8.76
C VAL A 27 6.06 -11.20 7.71
N GLY A 28 7.01 -10.26 7.75
CA GLY A 28 8.07 -10.24 6.78
C GLY A 28 7.58 -9.65 5.48
N ASN A 29 6.78 -10.43 4.77
CA ASN A 29 6.18 -9.99 3.51
C ASN A 29 4.78 -9.45 3.81
N PHE A 30 4.75 -8.28 4.43
CA PHE A 30 3.51 -7.60 4.82
C PHE A 30 2.54 -7.55 3.64
N MET A 31 2.79 -6.64 2.71
CA MET A 31 1.97 -6.52 1.54
C MET A 31 2.74 -7.05 0.34
N PRO A 32 2.17 -8.02 -0.39
CA PRO A 32 2.81 -8.63 -1.56
C PRO A 32 3.28 -7.58 -2.58
N ASP A 33 4.40 -7.89 -3.24
CA ASP A 33 4.99 -7.00 -4.25
C ASP A 33 3.96 -6.60 -5.31
N SER A 34 3.20 -7.58 -5.77
CA SER A 34 2.18 -7.35 -6.78
C SER A 34 1.11 -6.39 -6.27
N ILE A 35 0.74 -6.54 -5.00
CA ILE A 35 -0.28 -5.68 -4.39
C ILE A 35 0.27 -4.28 -4.17
N LEU A 36 1.55 -4.19 -3.79
CA LEU A 36 2.18 -2.89 -3.57
C LEU A 36 2.16 -2.07 -4.85
N LYS A 37 2.35 -2.75 -5.98
CA LYS A 37 2.38 -2.08 -7.27
C LYS A 37 1.01 -1.55 -7.68
N LYS A 38 -0.01 -2.39 -7.61
CA LYS A 38 -1.36 -1.96 -8.00
C LYS A 38 -1.89 -0.90 -7.05
N MET A 39 -1.62 -1.07 -5.76
CA MET A 39 -2.06 -0.14 -4.75
C MET A 39 -1.33 1.19 -4.88
N ALA A 40 -0.09 1.14 -5.37
CA ALA A 40 0.70 2.35 -5.55
C ALA A 40 0.32 3.07 -6.84
N ALA A 41 -0.10 2.31 -7.84
CA ALA A 41 -0.47 2.88 -9.13
C ALA A 41 -1.87 3.48 -9.08
N ILE A 42 -2.78 2.78 -8.40
CA ILE A 42 -4.16 3.25 -8.30
C ILE A 42 -4.33 4.16 -7.10
N LEU A 43 -3.62 3.84 -6.03
CA LEU A 43 -3.70 4.61 -4.78
C LEU A 43 -5.14 4.73 -4.34
N PRO A 44 -5.72 3.61 -3.89
CA PRO A 44 -7.12 3.54 -3.46
C PRO A 44 -7.33 4.21 -2.11
N MET A 45 -7.99 5.35 -2.13
CA MET A 45 -8.28 6.09 -0.91
C MET A 45 -9.47 5.49 -0.20
N ASN A 46 -10.30 4.76 -0.94
CA ASN A 46 -11.47 4.12 -0.37
C ASN A 46 -11.37 2.59 -0.48
N ASP A 47 -12.33 1.89 0.12
CA ASP A 47 -12.33 0.43 0.09
C ASP A 47 -12.98 -0.10 -1.19
N SER A 48 -13.66 0.79 -1.91
CA SER A 48 -14.33 0.43 -3.15
C SER A 48 -13.30 0.20 -4.26
N ALA A 49 -12.35 1.12 -4.37
CA ALA A 49 -11.28 1.03 -5.37
C ALA A 49 -10.42 -0.20 -5.11
N PHE A 50 -10.43 -0.65 -3.87
CA PHE A 50 -9.66 -1.83 -3.47
C PHE A 50 -10.11 -3.08 -4.20
N ALA A 51 -11.37 -3.10 -4.63
CA ALA A 51 -11.93 -4.26 -5.33
C ALA A 51 -11.23 -4.48 -6.67
N THR A 52 -10.67 -3.42 -7.25
CA THR A 52 -9.97 -3.53 -8.53
C THR A 52 -8.54 -4.04 -8.37
N LEU A 53 -8.15 -4.34 -7.13
CA LEU A 53 -6.81 -4.87 -6.86
C LEU A 53 -6.84 -6.37 -7.16
N GLY A 54 -8.01 -6.97 -6.93
CA GLY A 54 -8.23 -8.37 -7.21
C GLY A 54 -7.66 -9.33 -6.17
N THR A 55 -6.36 -9.34 -6.02
CA THR A 55 -5.71 -10.27 -5.10
C THR A 55 -5.66 -9.82 -3.64
N VAL A 56 -6.66 -9.09 -3.19
CA VAL A 56 -6.69 -8.69 -1.79
C VAL A 56 -7.94 -9.28 -1.14
N GLU A 57 -7.73 -10.35 -0.38
CA GLU A 57 -8.82 -11.04 0.30
C GLU A 57 -9.26 -10.28 1.54
N ASP A 58 -10.20 -10.83 2.28
CA ASP A 58 -10.71 -10.20 3.49
C ASP A 58 -9.58 -9.88 4.47
N LYS A 59 -8.62 -10.80 4.58
CA LYS A 59 -7.49 -10.62 5.49
C LYS A 59 -6.54 -9.54 4.97
N TYR A 60 -6.44 -9.40 3.64
CA TYR A 60 -5.57 -8.40 3.06
C TYR A 60 -6.23 -7.03 3.19
N ARG A 61 -7.55 -7.00 3.02
CA ARG A 61 -8.33 -5.78 3.12
C ARG A 61 -8.36 -5.28 4.56
N ARG A 62 -8.36 -6.21 5.50
CA ARG A 62 -8.41 -5.91 6.92
C ARG A 62 -7.16 -5.18 7.39
N ARG A 63 -6.00 -5.84 7.26
CA ARG A 63 -4.74 -5.26 7.70
C ARG A 63 -4.37 -4.03 6.85
N PHE A 64 -5.19 -3.77 5.83
CA PHE A 64 -4.99 -2.61 4.95
C PHE A 64 -5.00 -1.32 5.77
N LYS A 65 -5.74 -1.36 6.88
CA LYS A 65 -5.87 -0.24 7.80
C LYS A 65 -4.51 0.31 8.25
N TYR A 66 -3.47 -0.54 8.20
CA TYR A 66 -2.13 -0.13 8.61
C TYR A 66 -1.40 0.61 7.49
N PHE A 67 -2.00 0.61 6.30
CA PHE A 67 -1.42 1.28 5.14
C PHE A 67 -2.23 2.50 4.75
N LYS A 68 -3.43 2.63 5.32
CA LYS A 68 -4.34 3.73 5.01
C LYS A 68 -3.69 5.11 5.16
N ALA A 69 -2.79 5.26 6.12
CA ALA A 69 -2.11 6.53 6.32
C ALA A 69 -1.06 6.76 5.23
N THR A 70 -0.48 5.66 4.78
CA THR A 70 0.53 5.68 3.73
C THR A 70 -0.09 5.98 2.38
N ILE A 71 -1.13 5.23 2.04
CA ILE A 71 -1.84 5.38 0.77
C ILE A 71 -2.35 6.81 0.60
N ALA A 72 -2.89 7.36 1.68
CA ALA A 72 -3.42 8.72 1.66
C ALA A 72 -2.32 9.77 1.51
N ASP A 73 -1.19 9.54 2.14
CA ASP A 73 -0.07 10.47 2.08
C ASP A 73 0.56 10.47 0.70
N LEU A 74 0.68 9.29 0.12
CA LEU A 74 1.30 9.15 -1.21
C LEU A 74 0.46 9.79 -2.31
N SER A 75 -0.86 9.78 -2.16
CA SER A 75 -1.74 10.38 -3.15
C SER A 75 -1.65 11.90 -3.06
N LYS A 76 -1.35 12.40 -1.86
CA LYS A 76 -1.20 13.83 -1.64
C LYS A 76 0.16 14.31 -2.14
N LYS A 77 1.14 13.42 -2.11
CA LYS A 77 2.50 13.74 -2.56
C LYS A 77 2.63 13.59 -4.06
N ARG A 78 1.66 12.91 -4.67
CA ARG A 78 1.66 12.71 -6.12
C ARG A 78 1.52 14.04 -6.85
N SER A 79 2.02 14.09 -8.08
CA SER A 79 1.97 15.31 -8.89
C SER A 79 0.55 15.57 -9.42
N SER A 80 -0.36 15.90 -8.50
CA SER A 80 -1.75 16.19 -8.84
C SER A 80 -2.41 15.02 -9.58
N GLU A 81 -2.25 13.82 -9.03
CA GLU A 81 -2.84 12.63 -9.64
C GLU A 81 -3.65 11.89 -8.60
N GLU A 1 12.33 13.04 -10.25
CA GLU A 1 10.97 13.59 -10.16
C GLU A 1 10.03 12.87 -11.11
N LEU A 2 10.47 11.72 -11.60
CA LEU A 2 9.68 10.91 -12.51
C LEU A 2 9.19 9.66 -11.79
N ASN A 3 9.69 9.47 -10.58
CA ASN A 3 9.34 8.32 -9.77
C ASN A 3 8.11 8.59 -8.91
N ASN A 4 7.04 9.07 -9.55
CA ASN A 4 5.80 9.35 -8.84
C ASN A 4 5.23 8.06 -8.27
N LEU A 5 5.20 7.03 -9.10
CA LEU A 5 4.69 5.72 -8.70
C LEU A 5 5.79 4.94 -7.98
N ARG A 6 7.03 5.19 -8.36
CA ARG A 6 8.16 4.52 -7.75
C ARG A 6 8.29 4.91 -6.29
N MET A 7 8.02 6.18 -5.98
CA MET A 7 8.09 6.66 -4.61
C MET A 7 7.08 5.92 -3.76
N THR A 8 5.90 5.73 -4.33
CA THR A 8 4.81 5.00 -3.68
C THR A 8 5.22 3.55 -3.42
N TYR A 9 5.73 2.90 -4.46
CA TYR A 9 6.17 1.50 -4.39
C TYR A 9 7.30 1.33 -3.37
N GLU A 10 8.25 2.26 -3.40
CA GLU A 10 9.40 2.23 -2.49
C GLU A 10 8.97 2.52 -1.06
N ARG A 11 8.08 3.50 -0.89
CA ARG A 11 7.59 3.88 0.44
C ARG A 11 6.79 2.75 1.07
N LEU A 12 5.99 2.08 0.25
CA LEU A 12 5.18 0.97 0.72
C LEU A 12 6.06 -0.21 1.08
N ARG A 13 7.12 -0.40 0.31
CA ARG A 13 8.06 -1.49 0.55
C ARG A 13 8.75 -1.31 1.91
N GLU A 14 9.18 -0.10 2.17
CA GLU A 14 9.85 0.22 3.43
C GLU A 14 8.86 0.13 4.59
N LEU A 15 7.62 0.51 4.34
CA LEU A 15 6.60 0.50 5.37
C LEU A 15 6.15 -0.95 5.65
N SER A 16 6.18 -1.80 4.63
CA SER A 16 5.79 -3.20 4.78
C SER A 16 6.79 -3.91 5.68
N LEU A 17 8.05 -3.55 5.55
CA LEU A 17 9.11 -4.15 6.36
C LEU A 17 9.06 -3.62 7.79
N ASN A 18 8.64 -2.37 7.94
CA ASN A 18 8.55 -1.72 9.24
C ASN A 18 7.31 -2.18 10.01
N LEU A 19 6.14 -2.04 9.42
CA LEU A 19 4.90 -2.43 10.06
C LEU A 19 4.84 -3.94 10.29
N GLY A 20 5.30 -4.69 9.30
CA GLY A 20 5.27 -6.14 9.40
C GLY A 20 6.16 -6.67 10.52
N ASN A 21 7.37 -6.13 10.65
CA ASN A 21 8.30 -6.57 11.68
C ASN A 21 7.93 -5.99 13.05
N ARG A 22 7.06 -5.00 13.06
CA ARG A 22 6.63 -4.39 14.31
C ARG A 22 5.35 -5.04 14.80
N MET A 23 4.79 -5.93 13.99
CA MET A 23 3.58 -6.62 14.36
C MET A 23 3.91 -7.82 15.23
N VAL A 24 2.94 -8.31 15.98
CA VAL A 24 3.14 -9.46 16.85
C VAL A 24 1.97 -10.43 16.74
N PRO A 25 2.20 -11.64 16.17
CA PRO A 25 3.52 -12.05 15.65
C PRO A 25 3.90 -11.29 14.38
N PRO A 26 5.20 -11.08 14.16
CA PRO A 26 5.70 -10.35 12.98
C PRO A 26 5.25 -11.00 11.68
N VAL A 27 4.71 -10.18 10.79
CA VAL A 27 4.26 -10.66 9.51
C VAL A 27 5.42 -10.74 8.55
N GLY A 28 5.66 -11.91 8.01
CA GLY A 28 6.75 -12.08 7.07
C GLY A 28 6.54 -11.24 5.85
N ASN A 29 5.37 -11.41 5.26
CA ASN A 29 4.98 -10.64 4.10
C ASN A 29 3.79 -9.74 4.44
N PHE A 30 4.10 -8.51 4.83
CA PHE A 30 3.07 -7.54 5.19
C PHE A 30 2.17 -7.31 4.00
N MET A 31 2.77 -6.88 2.91
CA MET A 31 2.06 -6.67 1.67
C MET A 31 2.86 -7.27 0.53
N PRO A 32 2.22 -8.14 -0.27
CA PRO A 32 2.88 -8.81 -1.39
C PRO A 32 3.34 -7.84 -2.46
N ASP A 33 4.43 -8.20 -3.13
CA ASP A 33 5.02 -7.37 -4.18
C ASP A 33 3.97 -7.00 -5.23
N SER A 34 3.09 -7.95 -5.52
CA SER A 34 2.03 -7.75 -6.48
C SER A 34 1.07 -6.65 -6.03
N ILE A 35 0.58 -6.80 -4.80
CA ILE A 35 -0.35 -5.84 -4.22
C ILE A 35 0.29 -4.47 -4.06
N LEU A 36 1.56 -4.46 -3.69
CA LEU A 36 2.27 -3.21 -3.52
C LEU A 36 2.35 -2.44 -4.84
N LYS A 37 2.47 -3.17 -5.93
CA LYS A 37 2.56 -2.54 -7.25
C LYS A 37 1.23 -1.95 -7.70
N LYS A 38 0.14 -2.69 -7.50
CA LYS A 38 -1.18 -2.20 -7.92
C LYS A 38 -1.67 -1.11 -6.97
N MET A 39 -1.43 -1.30 -5.69
CA MET A 39 -1.85 -0.33 -4.70
C MET A 39 -1.09 0.99 -4.85
N ALA A 40 0.16 0.91 -5.32
CA ALA A 40 0.97 2.10 -5.54
C ALA A 40 0.58 2.78 -6.85
N ALA A 41 0.08 2.00 -7.79
CA ALA A 41 -0.30 2.53 -9.10
C ALA A 41 -1.71 3.11 -9.10
N ILE A 42 -2.63 2.46 -8.40
CA ILE A 42 -4.01 2.91 -8.34
C ILE A 42 -4.21 3.90 -7.20
N LEU A 43 -3.47 3.69 -6.11
CA LEU A 43 -3.54 4.56 -4.94
C LEU A 43 -4.97 4.68 -4.40
N PRO A 44 -5.54 3.57 -3.89
CA PRO A 44 -6.90 3.55 -3.33
C PRO A 44 -6.95 4.20 -1.96
N MET A 45 -7.63 5.33 -1.85
CA MET A 45 -7.73 6.07 -0.60
C MET A 45 -8.51 5.30 0.46
N ASN A 46 -9.39 4.41 0.04
CA ASN A 46 -10.17 3.63 0.99
C ASN A 46 -10.54 2.25 0.42
N ASP A 47 -11.34 1.53 1.20
CA ASP A 47 -11.79 0.18 0.85
C ASP A 47 -12.63 0.15 -0.44
N SER A 48 -13.36 1.23 -0.69
CA SER A 48 -14.20 1.33 -1.89
C SER A 48 -13.37 1.25 -3.17
N ALA A 49 -12.31 2.04 -3.24
CA ALA A 49 -11.44 2.07 -4.40
C ALA A 49 -10.72 0.73 -4.60
N PHE A 50 -10.54 -0.01 -3.51
CA PHE A 50 -9.86 -1.31 -3.54
C PHE A 50 -10.39 -2.25 -4.60
N ALA A 51 -11.64 -2.07 -5.00
CA ALA A 51 -12.26 -2.91 -6.02
C ALA A 51 -11.43 -2.91 -7.32
N THR A 52 -10.65 -1.86 -7.53
CA THR A 52 -9.81 -1.72 -8.73
C THR A 52 -8.53 -2.56 -8.59
N LEU A 53 -8.13 -2.80 -7.34
CA LEU A 53 -6.93 -3.59 -7.05
C LEU A 53 -7.16 -5.03 -7.47
N GLY A 54 -8.40 -5.46 -7.33
CA GLY A 54 -8.77 -6.80 -7.66
C GLY A 54 -9.37 -7.51 -6.47
N THR A 55 -9.28 -8.83 -6.48
CA THR A 55 -9.83 -9.62 -5.41
C THR A 55 -8.83 -9.81 -4.27
N VAL A 56 -8.53 -8.73 -3.54
CA VAL A 56 -7.61 -8.82 -2.41
C VAL A 56 -8.25 -9.66 -1.31
N GLU A 57 -7.49 -10.59 -0.75
CA GLU A 57 -7.98 -11.48 0.29
C GLU A 57 -8.49 -10.70 1.50
N ASP A 58 -9.42 -11.31 2.22
CA ASP A 58 -10.02 -10.70 3.41
C ASP A 58 -8.95 -10.37 4.45
N LYS A 59 -7.96 -11.25 4.61
CA LYS A 59 -6.90 -11.03 5.57
C LYS A 59 -5.98 -9.89 5.11
N TYR A 60 -5.92 -9.68 3.79
CA TYR A 60 -5.10 -8.61 3.24
C TYR A 60 -5.84 -7.29 3.33
N ARG A 61 -7.16 -7.33 3.15
CA ARG A 61 -7.99 -6.14 3.26
C ARG A 61 -7.98 -5.64 4.69
N ARG A 62 -7.91 -6.56 5.63
CA ARG A 62 -7.89 -6.26 7.03
C ARG A 62 -6.69 -5.38 7.43
N ARG A 63 -5.48 -5.94 7.36
CA ARG A 63 -4.27 -5.18 7.71
C ARG A 63 -4.00 -4.04 6.72
N PHE A 64 -4.81 -3.98 5.67
CA PHE A 64 -4.72 -2.92 4.67
C PHE A 64 -4.83 -1.58 5.38
N LYS A 65 -5.59 -1.58 6.47
CA LYS A 65 -5.82 -0.40 7.31
C LYS A 65 -4.51 0.27 7.74
N TYR A 66 -3.43 -0.51 7.81
CA TYR A 66 -2.13 0.03 8.22
C TYR A 66 -1.45 0.76 7.06
N PHE A 67 -2.02 0.63 5.88
CA PHE A 67 -1.49 1.29 4.70
C PHE A 67 -2.44 2.37 4.22
N LYS A 68 -3.67 2.32 4.72
CA LYS A 68 -4.70 3.29 4.31
C LYS A 68 -4.30 4.72 4.65
N ALA A 69 -3.55 4.90 5.72
CA ALA A 69 -3.11 6.23 6.12
C ALA A 69 -2.03 6.75 5.18
N THR A 70 -1.21 5.84 4.70
CA THR A 70 -0.12 6.18 3.79
C THR A 70 -0.61 6.35 2.36
N ILE A 71 -1.41 5.39 1.89
CA ILE A 71 -1.93 5.44 0.53
C ILE A 71 -2.78 6.69 0.33
N ALA A 72 -3.47 7.10 1.39
CA ALA A 72 -4.30 8.30 1.35
C ALA A 72 -3.42 9.56 1.28
N ASP A 73 -2.19 9.43 1.74
CA ASP A 73 -1.24 10.54 1.73
C ASP A 73 -0.44 10.56 0.45
N LEU A 74 -0.06 9.37 -0.01
CA LEU A 74 0.72 9.22 -1.23
C LEU A 74 0.04 9.85 -2.44
N SER A 75 -1.29 9.90 -2.41
CA SER A 75 -2.05 10.50 -3.49
C SER A 75 -1.79 12.00 -3.57
N LYS A 76 -1.47 12.59 -2.42
CA LYS A 76 -1.17 14.03 -2.34
C LYS A 76 0.34 14.23 -2.52
N LYS A 77 1.10 13.27 -2.01
CA LYS A 77 2.56 13.30 -2.10
C LYS A 77 3.02 13.16 -3.55
N ARG A 78 2.18 12.53 -4.39
CA ARG A 78 2.50 12.33 -5.80
C ARG A 78 2.68 13.67 -6.50
N SER A 79 2.00 14.70 -5.98
CA SER A 79 2.09 16.03 -6.53
C SER A 79 2.96 16.91 -5.65
N SER A 80 2.71 16.89 -4.35
CA SER A 80 3.50 17.67 -3.40
C SER A 80 3.94 16.79 -2.23
N GLU A 81 5.19 16.32 -2.29
CA GLU A 81 5.75 15.47 -1.25
C GLU A 81 5.99 16.24 0.05
#